data_4F6U
#
_entry.id   4F6U
#
_cell.length_a   71.397
_cell.length_b   71.024
_cell.length_c   171.217
_cell.angle_alpha   90.00
_cell.angle_beta   90.00
_cell.angle_gamma   90.00
#
_symmetry.space_group_name_H-M   'P 21 21 21'
#
loop_
_entity.id
_entity.type
_entity.pdbx_description
1 polymer 'Cyclin-dependent kinase 8'
2 polymer Cyclin-C
3 non-polymer 1-[3-tert-butyl-1-(4-methylphenyl)-1H-pyrazol-5-yl]-3-[3-(morpholin-4-yl)propyl]urea
4 non-polymer 'SODIUM ION'
5 non-polymer 'DIMETHYL SULFOXIDE'
6 non-polymer 1,2-ETHANEDIOL
7 non-polymer 'FORMIC ACID'
8 water water
#
loop_
_entity_poly.entity_id
_entity_poly.type
_entity_poly.pdbx_seq_one_letter_code
_entity_poly.pdbx_strand_id
1 'polypeptide(L)'
;DKMDYDFKVKLSSERERVEDLFEYEGCKVGRGTYGHVYKAKRKDGKDDKDYALKQIEGTGISMSACREIALLRELKHPNV
ISLQKVFLSHADRKVWLLFDYAEHDLWHIIKFHRASKANKKPVQLPRGMVKSLLYQILDGIHYLHANWVLHRDLKPANIL
VMGEGPERGRVKIADMGFARLFNSPLKPLADLDPVVVTFWYRAPELLLGARHYTKAIDIWAIGCIFAELLTSEPIFHCRQ
EDIKTSNPYHHDQLDRIFNVMGFPADKDWEDIKKMPEHSTLMKDFRRNTYTNCSLIKYMEKHKVKPDSKAFHLLQKLLTM
DPIKRITSEQAMQDPYFLEDPLPTSDVFAGCQIPYPKREFLTEEEPDDKGDKKNQQQQQGNNHTNGTGHPGNQDSSHTQG
PPLKK
;
A
2 'polypeptide(L)'
;DDKAMAGNFWQSSHYLQWILDKQDLLKERQKDLKFLSEEEYWKLQIFFTNVIQALGEHLKLRQQVIATATVYFKRFYARY
SLKSIDPVLMAPTCVFLASKVEEFGVVSNTRLIAAATSVLKTRFSYAFPKEFPYRMNHILECEFYLLELMDCCLIVYHPY
RPLLQYVQDMGQEDMLLPLAWRIVNDTYRTDLCLLYPPFMIALACLHVACVVQQKDARQWFAELSVDMEKILEIIRVILK
LYEQWKNFDERKEMATILSKMPKPKPPPNSEGEQGPNGSQNSSYSQS
;
B
#
loop_
_chem_comp.id
_chem_comp.type
_chem_comp.name
_chem_comp.formula
0SR non-polymer 1-[3-tert-butyl-1-(4-methylphenyl)-1H-pyrazol-5-yl]-3-[3-(morpholin-4-yl)propyl]urea 'C22 H33 N5 O2'
DMS non-polymer 'DIMETHYL SULFOXIDE' 'C2 H6 O S'
EDO non-polymer 1,2-ETHANEDIOL 'C2 H6 O2'
FMT non-polymer 'FORMIC ACID' 'C H2 O2'
NA non-polymer 'SODIUM ION' 'Na 1'
#
# COMPACT_ATOMS: atom_id res chain seq x y z
N ASP A 1 16.75 -11.52 21.72
CA ASP A 1 17.23 -12.77 22.40
C ASP A 1 17.94 -13.66 21.39
N LYS A 2 19.14 -14.15 21.76
CA LYS A 2 20.01 -14.93 20.86
C LYS A 2 20.48 -14.16 19.61
N MET A 3 20.47 -12.83 19.69
CA MET A 3 20.79 -11.94 18.57
C MET A 3 22.26 -11.56 18.69
N ASP A 4 23.02 -11.66 17.59
CA ASP A 4 24.47 -11.39 17.63
C ASP A 4 24.73 -9.99 18.19
N TYR A 5 25.59 -9.93 19.20
CA TYR A 5 25.92 -8.67 19.88
C TYR A 5 26.54 -7.61 18.96
N ASP A 6 27.51 -8.01 18.14
CA ASP A 6 28.20 -7.06 17.24
C ASP A 6 27.26 -6.45 16.21
N PHE A 7 26.44 -7.31 15.59
CA PHE A 7 25.33 -6.90 14.71
C PHE A 7 24.43 -5.87 15.40
N LYS A 8 24.00 -6.17 16.62
CA LYS A 8 23.09 -5.30 17.39
C LYS A 8 23.67 -3.93 17.71
N VAL A 9 24.88 -3.90 18.29
CA VAL A 9 25.51 -2.63 18.68
C VAL A 9 25.91 -1.77 17.48
N LYS A 10 26.33 -2.40 16.38
CA LYS A 10 26.62 -1.67 15.14
C LYS A 10 25.35 -0.95 14.63
N LEU A 11 24.25 -1.68 14.54
CA LEU A 11 22.98 -1.10 14.08
C LEU A 11 22.51 0.02 15.02
N SER A 12 22.62 -0.21 16.33
CA SER A 12 22.30 0.79 17.34
C SER A 12 23.12 2.07 17.18
N SER A 13 24.43 1.91 16.99
CA SER A 13 25.34 3.06 16.76
C SER A 13 24.96 3.89 15.51
N GLU A 14 24.55 3.20 14.44
CA GLU A 14 24.23 3.84 13.14
C GLU A 14 22.79 4.33 13.02
N ARG A 15 21.86 3.77 13.82
CA ARG A 15 20.44 4.04 13.65
C ARG A 15 20.09 5.49 13.95
N GLU A 16 19.61 6.22 12.94
CA GLU A 16 19.14 7.58 13.12
C GLU A 16 17.87 7.59 13.98
N ARG A 17 17.85 8.47 14.97
CA ARG A 17 16.74 8.62 15.91
C ARG A 17 16.01 9.93 15.60
N VAL A 18 14.69 9.90 15.64
CA VAL A 18 13.88 11.07 15.30
C VAL A 18 14.19 12.27 16.20
N GLU A 19 14.37 12.02 17.50
CA GLU A 19 14.63 13.10 18.48
C GLU A 19 16.01 13.78 18.33
N ASP A 20 16.98 13.05 17.78
CA ASP A 20 18.30 13.63 17.47
C ASP A 20 18.25 14.58 16.27
N LEU A 21 17.49 14.19 15.24
CA LEU A 21 17.45 14.91 13.95
C LEU A 21 16.46 16.08 13.88
N PHE A 22 15.36 16.02 14.63
CA PHE A 22 14.27 17.00 14.52
C PHE A 22 13.81 17.59 15.84
N GLU A 23 13.51 18.90 15.80
CA GLU A 23 12.87 19.62 16.90
C GLU A 23 11.35 19.69 16.65
N TYR A 24 10.58 19.08 17.53
CA TYR A 24 9.12 19.00 17.40
C TYR A 24 8.34 19.08 18.72
N GLU A 25 9.04 19.19 19.86
CA GLU A 25 8.39 19.20 21.16
C GLU A 25 7.51 20.45 21.30
N GLY A 26 6.22 20.22 21.57
CA GLY A 26 5.24 21.29 21.68
C GLY A 26 4.70 21.79 20.36
N CYS A 27 4.93 21.05 19.27
CA CYS A 27 4.60 21.51 17.92
C CYS A 27 3.53 20.66 17.25
N LYS A 28 2.66 20.05 18.05
CA LYS A 28 1.59 19.23 17.52
C LYS A 28 0.59 20.11 16.75
N VAL A 29 0.34 19.74 15.50
CA VAL A 29 -0.67 20.40 14.66
C VAL A 29 -1.85 19.49 14.31
N GLY A 30 -1.75 18.20 14.65
CA GLY A 30 -2.78 17.22 14.30
C GLY A 30 -2.89 16.14 15.36
N ARG A 31 -4.12 15.86 15.78
CA ARG A 31 -4.42 14.76 16.70
C ARG A 31 -5.63 14.03 16.12
N GLY A 32 -5.51 12.72 15.96
CA GLY A 32 -6.56 11.93 15.34
C GLY A 32 -6.47 10.46 15.67
N THR A 33 -7.27 9.67 14.95
CA THR A 33 -7.33 8.22 15.14
C THR A 33 -6.02 7.53 14.71
N TYR A 34 -5.39 8.01 13.63
CA TYR A 34 -4.16 7.40 13.09
C TYR A 34 -2.86 7.76 13.83
N GLY A 35 -2.86 8.84 14.61
CA GLY A 35 -1.65 9.29 15.29
C GLY A 35 -1.63 10.76 15.65
N HIS A 36 -0.40 11.25 15.86
CA HIS A 36 -0.14 12.64 16.16
C HIS A 36 0.77 13.19 15.07
N VAL A 37 0.49 14.41 14.60
CA VAL A 37 1.29 15.07 13.56
C VAL A 37 1.91 16.34 14.14
N TYR A 38 3.24 16.46 13.99
CA TYR A 38 4.00 17.61 14.48
C TYR A 38 4.61 18.36 13.31
N LYS A 39 4.67 19.69 13.43
CA LYS A 39 5.46 20.55 12.55
C LYS A 39 6.87 20.61 13.10
N ALA A 40 7.84 20.16 12.33
CA ALA A 40 9.20 19.96 12.83
C ALA A 40 10.23 20.73 12.03
N LYS A 41 11.28 21.16 12.72
CA LYS A 41 12.47 21.75 12.15
C LYS A 41 13.63 20.76 12.33
N ARG A 42 14.54 20.71 11.35
CA ARG A 42 15.78 19.94 11.49
C ARG A 42 16.70 20.60 12.51
N LYS A 43 17.25 19.78 13.43
CA LYS A 43 18.21 20.27 14.44
C LYS A 43 19.57 20.57 13.80
N ASP A 44 20.08 19.61 13.03
CA ASP A 44 21.27 19.81 12.19
C ASP A 44 20.88 20.74 11.06
N GLY A 45 21.01 22.05 11.31
CA GLY A 45 20.34 23.08 10.50
C GLY A 45 20.95 23.42 9.16
N LYS A 46 20.96 22.44 8.26
CA LYS A 46 21.38 22.64 6.86
C LYS A 46 20.15 22.87 5.98
N ASP A 47 19.13 23.52 6.56
CA ASP A 47 17.76 23.45 6.07
C ASP A 47 16.85 24.28 6.99
N ASP A 48 16.04 25.17 6.40
CA ASP A 48 15.02 25.91 7.15
C ASP A 48 13.58 25.51 6.79
N LYS A 49 13.41 24.48 5.96
CA LYS A 49 12.07 23.99 5.58
C LYS A 49 11.34 23.38 6.78
N ASP A 50 10.01 23.41 6.72
CA ASP A 50 9.19 22.74 7.72
C ASP A 50 8.97 21.30 7.31
N TYR A 51 9.03 20.40 8.29
CA TYR A 51 8.77 18.99 8.07
C TYR A 51 7.57 18.58 8.90
N ALA A 52 6.82 17.60 8.40
CA ALA A 52 5.76 16.99 9.17
C ALA A 52 6.27 15.65 9.68
N LEU A 53 6.12 15.43 10.99
CA LEU A 53 6.38 14.13 11.60
C LEU A 53 5.08 13.56 12.11
N LYS A 54 4.77 12.32 11.71
CA LYS A 54 3.63 11.59 12.23
C LYS A 54 4.11 10.47 13.14
N GLN A 55 3.72 10.52 14.41
CA GLN A 55 3.90 9.38 15.30
C GLN A 55 2.63 8.52 15.19
N ILE A 56 2.79 7.32 14.63
CA ILE A 56 1.65 6.43 14.40
C ILE A 56 1.09 5.99 15.75
N GLU A 57 -0.23 6.03 15.89
CA GLU A 57 -0.92 5.53 17.10
C GLU A 57 -0.53 4.09 17.41
N GLY A 58 -0.35 3.79 18.69
CA GLY A 58 0.03 2.46 19.15
C GLY A 58 1.52 2.24 19.06
N THR A 59 1.93 0.99 19.29
CA THR A 59 3.32 0.58 19.16
C THR A 59 3.40 -0.60 18.20
N GLY A 60 4.58 -0.80 17.63
CA GLY A 60 4.80 -1.89 16.72
C GLY A 60 4.23 -1.65 15.34
N ILE A 61 4.05 -2.74 14.61
CA ILE A 61 3.65 -2.69 13.21
C ILE A 61 2.21 -3.18 13.17
N SER A 62 1.28 -2.29 13.51
CA SER A 62 -0.13 -2.61 13.42
C SER A 62 -0.53 -2.73 11.96
N MET A 63 -1.73 -3.25 11.71
CA MET A 63 -2.28 -3.29 10.36
C MET A 63 -2.31 -1.90 9.73
N SER A 64 -2.61 -0.89 10.53
CA SER A 64 -2.62 0.50 10.10
C SER A 64 -1.24 1.00 9.70
N ALA A 65 -0.25 0.78 10.57
CA ALA A 65 1.13 1.18 10.31
C ALA A 65 1.67 0.48 9.08
N CYS A 66 1.43 -0.83 9.02
CA CYS A 66 1.89 -1.66 7.92
C CYS A 66 1.28 -1.21 6.58
N ARG A 67 -0.02 -0.93 6.58
CA ARG A 67 -0.70 -0.44 5.37
C ARG A 67 -0.14 0.90 4.89
N GLU A 68 -0.01 1.86 5.80
CA GLU A 68 0.49 3.17 5.44
C GLU A 68 1.91 3.12 4.90
N ILE A 69 2.78 2.39 5.59
CA ILE A 69 4.17 2.27 5.17
C ILE A 69 4.29 1.52 3.82
N ALA A 70 3.60 0.39 3.70
CA ALA A 70 3.68 -0.44 2.47
C ALA A 70 3.26 0.35 1.23
N LEU A 71 2.13 1.06 1.34
CA LEU A 71 1.59 1.85 0.24
C LEU A 71 2.43 3.08 -0.07
N LEU A 72 2.73 3.89 0.93
CA LEU A 72 3.49 5.13 0.72
C LEU A 72 4.93 4.91 0.26
N ARG A 73 5.50 3.76 0.61
CA ARG A 73 6.82 3.38 0.13
C ARG A 73 6.86 3.19 -1.42
N GLU A 74 5.73 2.87 -2.02
CA GLU A 74 5.62 2.63 -3.46
C GLU A 74 5.08 3.84 -4.23
N LEU A 75 4.14 4.57 -3.66
CA LEU A 75 3.44 5.64 -4.37
C LEU A 75 4.35 6.84 -4.63
N LYS A 76 4.35 7.30 -5.87
CA LYS A 76 5.13 8.46 -6.29
C LYS A 76 4.32 9.24 -7.35
N HIS A 77 3.75 10.36 -6.94
CA HIS A 77 3.02 11.25 -7.86
C HIS A 77 3.01 12.65 -7.23
N PRO A 78 3.12 13.71 -8.06
CA PRO A 78 3.14 15.09 -7.53
C PRO A 78 1.94 15.52 -6.65
N ASN A 79 0.79 14.88 -6.83
CA ASN A 79 -0.43 15.20 -6.11
C ASN A 79 -0.82 14.20 -5.04
N VAL A 80 0.13 13.37 -4.63
CA VAL A 80 -0.04 12.44 -3.51
C VAL A 80 1.09 12.73 -2.53
N ILE A 81 0.75 12.88 -1.25
CA ILE A 81 1.72 13.12 -0.20
C ILE A 81 2.80 12.03 -0.21
N SER A 82 4.05 12.45 -0.07
CA SER A 82 5.21 11.60 -0.31
C SER A 82 5.91 11.29 1.03
N LEU A 83 6.03 10.00 1.35
CA LEU A 83 6.79 9.57 2.52
C LEU A 83 8.29 9.78 2.27
N GLN A 84 8.93 10.57 3.12
CA GLN A 84 10.37 10.84 3.00
C GLN A 84 11.22 9.84 3.77
N LYS A 85 10.77 9.42 4.95
CA LYS A 85 11.59 8.58 5.82
C LYS A 85 10.73 7.94 6.89
N VAL A 86 11.13 6.75 7.31
CA VAL A 86 10.52 6.05 8.43
C VAL A 86 11.57 5.88 9.53
N PHE A 87 11.20 6.26 10.77
CA PHE A 87 12.04 6.05 11.95
C PHE A 87 11.40 5.01 12.82
N LEU A 88 12.16 3.95 13.13
CA LEU A 88 11.72 2.91 14.05
C LEU A 88 12.47 3.12 15.37
N SER A 89 11.73 3.47 16.42
CA SER A 89 12.30 3.79 17.73
C SER A 89 12.23 2.53 18.60
N HIS A 90 13.38 1.90 18.85
CA HIS A 90 13.42 0.60 19.54
C HIS A 90 13.10 0.67 21.03
N ALA A 91 13.43 1.80 21.67
CA ALA A 91 13.22 1.99 23.10
C ALA A 91 11.74 1.91 23.52
N ASP A 92 10.85 2.43 22.67
CA ASP A 92 9.40 2.47 22.95
C ASP A 92 8.54 1.76 21.89
N ARG A 93 9.19 1.18 20.88
CA ARG A 93 8.52 0.53 19.74
C ARG A 93 7.54 1.44 18.99
N LYS A 94 7.86 2.73 18.93
CA LYS A 94 7.06 3.72 18.21
C LYS A 94 7.57 3.89 16.78
N VAL A 95 6.63 4.11 15.86
CA VAL A 95 6.96 4.36 14.46
C VAL A 95 6.64 5.81 14.09
N TRP A 96 7.61 6.47 13.45
CA TRP A 96 7.49 7.86 13.01
C TRP A 96 7.66 7.95 11.51
N LEU A 97 6.77 8.70 10.85
CA LEU A 97 6.84 8.97 9.41
C LEU A 97 7.18 10.43 9.18
N LEU A 98 8.14 10.68 8.27
CA LEU A 98 8.57 12.02 7.92
C LEU A 98 8.00 12.41 6.56
N PHE A 99 7.46 13.63 6.47
CA PHE A 99 7.00 14.22 5.21
C PHE A 99 7.47 15.66 5.11
N ASP A 100 7.52 16.18 3.89
CA ASP A 100 7.64 17.62 3.67
C ASP A 100 6.34 18.24 4.17
N TYR A 101 6.44 19.34 4.91
CA TYR A 101 5.25 19.95 5.54
C TYR A 101 4.39 20.67 4.50
N ALA A 102 3.10 20.35 4.49
CA ALA A 102 2.10 21.06 3.70
C ALA A 102 1.37 22.02 4.64
N GLU A 103 1.57 23.31 4.42
CA GLU A 103 1.04 24.37 5.30
C GLU A 103 -0.49 24.46 5.26
N HIS A 104 -1.05 24.29 4.07
CA HIS A 104 -2.47 24.57 3.85
C HIS A 104 -3.26 23.30 3.57
N ASP A 105 -4.58 23.45 3.63
CA ASP A 105 -5.51 22.40 3.24
C ASP A 105 -6.86 23.03 2.92
N LEU A 106 -7.68 22.33 2.14
CA LEU A 106 -8.95 22.87 1.68
C LEU A 106 -9.96 23.16 2.78
N TRP A 107 -9.89 22.47 3.92
CA TRP A 107 -10.78 22.78 5.05
C TRP A 107 -10.56 24.22 5.51
N HIS A 108 -9.29 24.59 5.74
CA HIS A 108 -8.93 25.94 6.17
C HIS A 108 -9.15 26.97 5.07
N ILE A 109 -8.77 26.63 3.84
CA ILE A 109 -8.95 27.53 2.70
C ILE A 109 -10.45 27.85 2.49
N ILE A 110 -11.31 26.83 2.52
CA ILE A 110 -12.76 27.04 2.33
C ILE A 110 -13.36 27.84 3.49
N LYS A 111 -12.99 27.48 4.72
CA LYS A 111 -13.42 28.20 5.92
C LYS A 111 -13.08 29.69 5.87
N PHE A 112 -11.88 30.03 5.38
CA PHE A 112 -11.45 31.43 5.18
C PHE A 112 -12.43 32.18 4.27
N HIS A 113 -12.74 31.60 3.12
CA HIS A 113 -13.68 32.22 2.17
C HIS A 113 -15.13 32.23 2.66
N ARG A 114 -15.56 31.15 3.32
CA ARG A 114 -16.89 31.08 3.95
C ARG A 114 -17.08 32.14 5.06
N ALA A 115 -16.03 32.36 5.85
CA ALA A 115 -16.04 33.40 6.90
C ALA A 115 -16.11 34.82 6.32
N SER A 116 -15.31 35.08 5.29
CA SER A 116 -15.34 36.36 4.57
C SER A 116 -16.58 36.42 3.66
N LYS A 117 -17.73 36.77 4.25
CA LYS A 117 -19.01 36.78 3.54
C LYS A 117 -20.08 37.57 4.30
N VAL A 123 -15.77 37.16 0.00
CA VAL A 123 -14.90 36.70 -1.09
C VAL A 123 -15.07 35.19 -1.35
N GLN A 124 -15.66 34.85 -2.50
CA GLN A 124 -15.67 33.45 -2.98
C GLN A 124 -14.26 33.03 -3.36
N LEU A 125 -14.03 31.72 -3.49
CA LEU A 125 -12.76 31.22 -4.01
C LEU A 125 -12.60 31.69 -5.46
N PRO A 126 -11.41 32.22 -5.82
CA PRO A 126 -11.15 32.56 -7.22
C PRO A 126 -11.34 31.37 -8.18
N ARG A 127 -11.94 31.62 -9.35
CA ARG A 127 -12.34 30.53 -10.26
C ARG A 127 -11.22 29.79 -10.93
N GLY A 128 -10.12 30.50 -11.22
CA GLY A 128 -8.87 29.85 -11.63
C GLY A 128 -8.35 28.86 -10.59
N MET A 129 -8.34 29.30 -9.33
CA MET A 129 -7.90 28.48 -8.20
C MET A 129 -8.79 27.24 -8.02
N VAL A 130 -10.11 27.42 -8.05
CA VAL A 130 -11.06 26.31 -7.99
C VAL A 130 -10.73 25.23 -9.04
N LYS A 131 -10.58 25.67 -10.29
CA LYS A 131 -10.27 24.76 -11.41
C LYS A 131 -8.93 24.06 -11.21
N SER A 132 -7.90 24.80 -10.84
CA SER A 132 -6.57 24.22 -10.62
C SER A 132 -6.57 23.22 -9.48
N LEU A 133 -7.30 23.52 -8.40
CA LEU A 133 -7.45 22.57 -7.29
C LEU A 133 -8.12 21.29 -7.77
N LEU A 134 -9.23 21.41 -8.50
CA LEU A 134 -9.97 20.22 -8.98
C LEU A 134 -9.12 19.39 -9.91
N TYR A 135 -8.40 20.04 -10.83
CA TYR A 135 -7.56 19.30 -11.77
C TYR A 135 -6.51 18.45 -11.04
N GLN A 136 -5.90 19.02 -10.01
CA GLN A 136 -4.82 18.31 -9.28
C GLN A 136 -5.36 17.22 -8.37
N ILE A 137 -6.54 17.45 -7.80
CA ILE A 137 -7.24 16.40 -7.05
C ILE A 137 -7.51 15.19 -7.97
N LEU A 138 -8.07 15.46 -9.14
CA LEU A 138 -8.35 14.43 -10.14
C LEU A 138 -7.07 13.73 -10.61
N ASP A 139 -6.00 14.50 -10.84
CA ASP A 139 -4.70 13.94 -11.24
C ASP A 139 -4.19 12.95 -10.18
N GLY A 140 -4.21 13.35 -8.91
CA GLY A 140 -3.76 12.45 -7.82
C GLY A 140 -4.61 11.21 -7.64
N ILE A 141 -5.94 11.39 -7.67
CA ILE A 141 -6.84 10.24 -7.55
C ILE A 141 -6.79 9.31 -8.77
N HIS A 142 -6.66 9.86 -9.98
CA HIS A 142 -6.44 9.02 -11.17
C HIS A 142 -5.21 8.10 -11.00
N TYR A 143 -4.11 8.65 -10.48
CA TYR A 143 -2.90 7.87 -10.23
C TYR A 143 -3.14 6.78 -9.19
N LEU A 144 -3.78 7.14 -8.08
CA LEU A 144 -4.16 6.16 -7.06
C LEU A 144 -5.08 5.07 -7.64
N HIS A 145 -6.12 5.49 -8.37
CA HIS A 145 -7.08 4.55 -8.96
C HIS A 145 -6.45 3.64 -9.99
N ALA A 146 -5.54 4.17 -10.80
CA ALA A 146 -4.77 3.36 -11.76
C ALA A 146 -3.97 2.28 -11.05
N ASN A 147 -3.55 2.55 -9.81
CA ASN A 147 -2.86 1.55 -8.99
C ASN A 147 -3.76 0.79 -8.02
N TRP A 148 -5.08 0.86 -8.24
CA TRP A 148 -6.06 0.19 -7.39
C TRP A 148 -5.96 0.55 -5.90
N VAL A 149 -5.65 1.82 -5.65
CA VAL A 149 -5.65 2.40 -4.32
C VAL A 149 -6.86 3.31 -4.29
N LEU A 150 -7.81 2.97 -3.43
CA LEU A 150 -8.99 3.78 -3.18
C LEU A 150 -8.71 4.62 -1.94
N HIS A 151 -9.14 5.88 -1.97
CA HIS A 151 -8.92 6.76 -0.83
C HIS A 151 -9.85 6.41 0.30
N ARG A 152 -11.16 6.42 -0.01
CA ARG A 152 -12.23 5.98 0.92
CA ARG A 152 -12.25 5.99 0.90
C ARG A 152 -12.68 7.03 1.95
N ASP A 153 -12.08 8.22 1.94
CA ASP A 153 -12.46 9.29 2.88
C ASP A 153 -12.05 10.66 2.39
N LEU A 154 -12.34 10.94 1.12
CA LEU A 154 -12.00 12.23 0.53
C LEU A 154 -12.93 13.32 1.07
N LYS A 155 -12.31 14.42 1.46
CA LYS A 155 -12.99 15.58 2.05
C LYS A 155 -11.95 16.71 2.09
N PRO A 156 -12.41 17.97 2.25
CA PRO A 156 -11.47 19.10 2.22
C PRO A 156 -10.26 18.99 3.16
N ALA A 157 -10.43 18.46 4.37
CA ALA A 157 -9.33 18.32 5.31
C ALA A 157 -8.21 17.39 4.83
N ASN A 158 -8.54 16.45 3.93
CA ASN A 158 -7.57 15.53 3.33
C ASN A 158 -6.96 16.03 2.01
N ILE A 159 -7.34 17.22 1.56
CA ILE A 159 -6.72 17.84 0.38
C ILE A 159 -5.76 18.93 0.87
N LEU A 160 -4.48 18.56 0.99
CA LEU A 160 -3.46 19.47 1.44
C LEU A 160 -2.99 20.33 0.27
N VAL A 161 -2.50 21.53 0.56
CA VAL A 161 -1.88 22.39 -0.44
C VAL A 161 -0.59 22.95 0.15
N MET A 162 0.49 22.84 -0.62
CA MET A 162 1.79 23.29 -0.20
C MET A 162 1.85 24.81 -0.18
N GLY A 163 2.50 25.34 0.86
CA GLY A 163 2.74 26.77 1.00
C GLY A 163 4.02 27.21 0.32
N GLU A 164 4.55 28.35 0.76
CA GLU A 164 5.79 28.93 0.19
C GLU A 164 6.93 27.92 0.19
N GLY A 165 7.67 27.87 -0.91
CA GLY A 165 8.71 26.86 -1.12
C GLY A 165 8.70 26.40 -2.56
N PRO A 166 9.50 25.36 -2.88
CA PRO A 166 9.59 24.89 -4.27
C PRO A 166 8.35 24.19 -4.84
N GLU A 167 7.38 23.83 -4.02
CA GLU A 167 6.12 23.23 -4.49
C GLU A 167 4.90 24.14 -4.26
N ARG A 168 5.14 25.44 -4.21
CA ARG A 168 4.11 26.44 -3.89
C ARG A 168 2.81 26.19 -4.65
N GLY A 169 1.71 26.06 -3.93
CA GLY A 169 0.40 25.84 -4.51
C GLY A 169 0.12 24.47 -5.09
N ARG A 170 0.92 23.47 -4.75
CA ARG A 170 0.68 22.12 -5.25
C ARG A 170 -0.18 21.32 -4.29
N VAL A 171 -1.23 20.73 -4.83
CA VAL A 171 -2.13 19.85 -4.06
C VAL A 171 -1.42 18.56 -3.68
N LYS A 172 -1.56 18.15 -2.42
CA LYS A 172 -1.14 16.83 -1.94
C LYS A 172 -2.32 16.10 -1.30
N ILE A 173 -2.78 15.03 -1.94
CA ILE A 173 -3.81 14.17 -1.36
C ILE A 173 -3.19 13.43 -0.19
N ALA A 174 -3.89 13.46 0.95
CA ALA A 174 -3.44 12.82 2.17
C ALA A 174 -4.60 12.11 2.81
N ASP A 175 -4.31 11.36 3.86
CA ASP A 175 -5.33 10.73 4.68
C ASP A 175 -5.00 11.02 6.15
N MET A 176 -5.66 12.04 6.69
CA MET A 176 -5.44 12.49 8.06
C MET A 176 -6.19 11.67 9.12
N GLY A 177 -7.27 11.00 8.73
CA GLY A 177 -8.13 10.25 9.66
C GLY A 177 -9.25 11.11 10.24
N PHE A 178 -9.58 10.84 11.51
CA PHE A 178 -10.64 11.55 12.23
C PHE A 178 -10.11 12.09 13.56
N VAL A 196 -16.07 13.43 15.50
CA VAL A 196 -15.83 12.02 15.23
C VAL A 196 -15.99 11.65 13.75
N VAL A 197 -17.08 12.07 13.13
CA VAL A 197 -17.39 11.72 11.73
C VAL A 197 -18.55 12.55 11.15
N THR A 198 -18.39 13.04 9.91
CA THR A 198 -19.54 13.55 9.12
C THR A 198 -19.71 12.68 7.88
N PHE A 199 -20.95 12.66 7.39
CA PHE A 199 -21.29 11.89 6.21
C PHE A 199 -21.52 12.78 4.98
N TRP A 200 -21.07 14.03 5.04
CA TRP A 200 -21.38 15.01 3.98
C TRP A 200 -20.79 14.70 2.59
N TYR A 201 -19.74 13.87 2.55
CA TYR A 201 -19.01 13.51 1.31
C TYR A 201 -19.23 12.03 0.93
N ARG A 202 -20.16 11.36 1.60
CA ARG A 202 -20.40 9.93 1.41
C ARG A 202 -21.45 9.70 0.34
N ALA A 203 -21.09 8.90 -0.68
CA ALA A 203 -21.97 8.55 -1.80
C ALA A 203 -23.27 7.89 -1.32
N PRO A 204 -24.39 8.11 -2.03
CA PRO A 204 -25.67 7.56 -1.55
C PRO A 204 -25.72 6.03 -1.41
N GLU A 205 -24.95 5.30 -2.23
CA GLU A 205 -24.88 3.84 -2.12
C GLU A 205 -24.32 3.36 -0.77
N LEU A 206 -23.33 4.08 -0.23
CA LEU A 206 -22.82 3.80 1.15
C LEU A 206 -23.91 4.00 2.20
N LEU A 207 -24.66 5.08 2.04
CA LEU A 207 -25.78 5.40 2.93
C LEU A 207 -26.94 4.40 2.81
N LEU A 208 -27.01 3.69 1.69
CA LEU A 208 -27.98 2.61 1.49
C LEU A 208 -27.40 1.19 1.70
N GLY A 209 -26.24 1.12 2.36
CA GLY A 209 -25.69 -0.17 2.81
C GLY A 209 -24.73 -0.88 1.87
N ALA A 210 -24.16 -0.19 0.89
CA ALA A 210 -23.19 -0.83 -0.01
C ALA A 210 -22.02 -1.36 0.80
N ARG A 211 -21.63 -2.59 0.49
CA ARG A 211 -20.66 -3.33 1.32
C ARG A 211 -19.20 -2.98 0.99
N HIS A 212 -18.95 -2.45 -0.21
CA HIS A 212 -17.57 -2.27 -0.68
C HIS A 212 -17.28 -0.83 -1.12
N TYR A 213 -16.07 -0.38 -0.82
CA TYR A 213 -15.55 0.85 -1.39
C TYR A 213 -15.18 0.62 -2.86
N THR A 214 -15.36 1.67 -3.64
CA THR A 214 -15.17 1.65 -5.09
C THR A 214 -14.53 2.97 -5.51
N LYS A 215 -14.06 2.98 -6.75
CA LYS A 215 -13.55 4.20 -7.37
C LYS A 215 -14.67 5.25 -7.48
N ALA A 216 -15.86 4.83 -7.87
CA ALA A 216 -17.02 5.73 -7.95
C ALA A 216 -17.33 6.48 -6.64
N ILE A 217 -17.13 5.83 -5.50
CA ILE A 217 -17.33 6.47 -4.19
C ILE A 217 -16.38 7.65 -3.97
N ASP A 218 -15.12 7.49 -4.38
CA ASP A 218 -14.15 8.58 -4.38
C ASP A 218 -14.57 9.70 -5.32
N ILE A 219 -15.09 9.35 -6.49
CA ILE A 219 -15.51 10.39 -7.44
C ILE A 219 -16.63 11.26 -6.91
N TRP A 220 -17.64 10.65 -6.29
CA TRP A 220 -18.74 11.41 -5.65
C TRP A 220 -18.20 12.42 -4.64
N ALA A 221 -17.25 11.98 -3.81
CA ALA A 221 -16.65 12.86 -2.81
C ALA A 221 -15.96 14.04 -3.46
N ILE A 222 -15.31 13.80 -4.60
CA ILE A 222 -14.65 14.86 -5.37
C ILE A 222 -15.68 15.84 -5.94
N GLY A 223 -16.78 15.30 -6.46
CA GLY A 223 -17.93 16.10 -6.84
C GLY A 223 -18.40 17.01 -5.70
N CYS A 224 -18.51 16.47 -4.50
CA CYS A 224 -18.88 17.26 -3.30
C CYS A 224 -17.89 18.39 -2.99
N ILE A 225 -16.61 18.08 -3.05
CA ILE A 225 -15.54 19.06 -2.82
C ILE A 225 -15.62 20.16 -3.87
N PHE A 226 -15.82 19.79 -5.13
CA PHE A 226 -15.97 20.75 -6.24
C PHE A 226 -17.13 21.73 -6.04
N ALA A 227 -18.30 21.21 -5.69
CA ALA A 227 -19.46 22.06 -5.33
C ALA A 227 -19.08 23.05 -4.23
N GLU A 228 -18.45 22.52 -3.17
CA GLU A 228 -18.04 23.32 -2.03
C GLU A 228 -17.00 24.40 -2.40
N LEU A 229 -16.07 24.08 -3.32
CA LEU A 229 -15.15 25.09 -3.86
C LEU A 229 -15.88 26.20 -4.62
N LEU A 230 -16.91 25.83 -5.37
CA LEU A 230 -17.67 26.80 -6.16
C LEU A 230 -18.54 27.74 -5.30
N THR A 231 -19.13 27.20 -4.23
CA THR A 231 -20.11 27.97 -3.41
C THR A 231 -19.62 28.39 -2.02
N SER A 232 -18.55 27.75 -1.54
CA SER A 232 -18.02 27.85 -0.16
C SER A 232 -18.83 27.11 0.93
N GLU A 233 -19.88 26.39 0.54
CA GLU A 233 -20.80 25.70 1.47
C GLU A 233 -20.73 24.21 1.18
N PRO A 234 -20.73 23.33 2.22
CA PRO A 234 -20.78 21.91 1.87
C PRO A 234 -22.15 21.58 1.27
N ILE A 235 -22.15 21.04 0.05
CA ILE A 235 -23.41 20.85 -0.71
C ILE A 235 -24.39 19.95 0.07
N PHE A 236 -23.89 18.91 0.73
CA PHE A 236 -24.72 17.99 1.49
C PHE A 236 -24.54 18.13 3.00
N HIS A 237 -24.35 19.38 3.47
CA HIS A 237 -24.30 19.67 4.90
C HIS A 237 -25.54 19.15 5.60
N CYS A 238 -25.34 18.58 6.78
CA CYS A 238 -26.39 17.89 7.54
C CYS A 238 -26.02 17.93 9.01
N ARG A 239 -27.02 18.03 9.87
CA ARG A 239 -26.83 17.92 11.33
C ARG A 239 -26.33 16.52 11.74
N GLN A 240 -25.82 16.42 12.96
CA GLN A 240 -25.28 15.16 13.52
C GLN A 240 -26.39 14.14 13.83
N GLU A 241 -26.16 12.87 13.50
CA GLU A 241 -27.12 11.78 13.71
C GLU A 241 -27.08 11.26 15.15
N ASN A 247 -24.95 1.19 12.03
CA ASN A 247 -25.62 0.89 10.76
C ASN A 247 -25.18 1.85 9.64
N PRO A 248 -25.19 1.37 8.38
CA PRO A 248 -24.83 2.24 7.26
C PRO A 248 -25.92 3.27 6.89
N TYR A 249 -27.18 2.96 7.22
CA TYR A 249 -28.31 3.82 6.88
C TYR A 249 -28.34 5.11 7.70
N HIS A 250 -28.31 6.26 7.02
CA HIS A 250 -28.37 7.58 7.68
C HIS A 250 -29.45 8.44 7.00
N HIS A 251 -30.62 8.48 7.64
CA HIS A 251 -31.82 9.08 7.06
C HIS A 251 -31.65 10.56 6.68
N ASP A 252 -31.17 11.35 7.63
CA ASP A 252 -31.04 12.79 7.45
C ASP A 252 -30.05 13.14 6.37
N GLN A 253 -28.92 12.43 6.29
CA GLN A 253 -27.97 12.66 5.23
C GLN A 253 -28.60 12.41 3.83
N LEU A 254 -29.37 11.33 3.71
CA LEU A 254 -30.09 11.01 2.47
C LEU A 254 -31.14 12.07 2.13
N ASP A 255 -31.89 12.51 3.12
CA ASP A 255 -32.87 13.60 2.99
C ASP A 255 -32.20 14.87 2.44
N ARG A 256 -31.05 15.23 2.98
CA ARG A 256 -30.28 16.36 2.44
C ARG A 256 -29.88 16.16 0.97
N ILE A 257 -29.40 14.97 0.65
CA ILE A 257 -29.04 14.67 -0.74
C ILE A 257 -30.25 14.82 -1.68
N PHE A 258 -31.42 14.32 -1.27
CA PHE A 258 -32.64 14.43 -2.08
C PHE A 258 -33.13 15.86 -2.20
N ASN A 259 -33.06 16.63 -1.11
CA ASN A 259 -33.36 18.07 -1.14
C ASN A 259 -32.54 18.84 -2.16
N VAL A 260 -31.29 18.43 -2.36
CA VAL A 260 -30.41 19.04 -3.33
C VAL A 260 -30.63 18.48 -4.73
N MET A 261 -30.59 17.14 -4.86
CA MET A 261 -30.52 16.47 -6.17
C MET A 261 -31.88 16.09 -6.78
N GLY A 262 -32.92 16.03 -5.95
CA GLY A 262 -34.15 15.35 -6.30
C GLY A 262 -34.05 13.88 -5.92
N PHE A 263 -35.20 13.22 -5.88
CA PHE A 263 -35.27 11.81 -5.56
C PHE A 263 -35.03 11.08 -6.89
N PRO A 264 -34.16 10.06 -6.91
CA PRO A 264 -33.84 9.40 -8.19
C PRO A 264 -35.03 8.66 -8.80
N ALA A 265 -35.23 8.83 -10.10
CA ALA A 265 -36.16 8.01 -10.86
C ALA A 265 -35.60 6.61 -11.02
N ASP A 266 -36.48 5.62 -11.17
CA ASP A 266 -36.09 4.22 -11.41
C ASP A 266 -35.04 4.13 -12.53
N LYS A 267 -35.28 4.86 -13.62
CA LYS A 267 -34.40 4.86 -14.80
C LYS A 267 -33.03 5.52 -14.58
N ASP A 268 -32.94 6.43 -13.61
CA ASP A 268 -31.67 7.08 -13.26
C ASP A 268 -30.73 6.16 -12.47
N TRP A 269 -31.30 5.26 -11.67
CA TRP A 269 -30.53 4.30 -10.87
C TRP A 269 -31.29 2.99 -10.76
N GLU A 270 -31.17 2.17 -11.80
CA GLU A 270 -31.95 0.92 -11.91
C GLU A 270 -31.64 -0.08 -10.79
N ASP A 271 -30.37 -0.20 -10.39
CA ASP A 271 -29.97 -1.13 -9.33
C ASP A 271 -30.14 -0.61 -7.89
N ILE A 272 -30.78 0.56 -7.72
CA ILE A 272 -31.09 1.05 -6.37
C ILE A 272 -31.85 -0.01 -5.56
N LYS A 273 -32.76 -0.75 -6.22
CA LYS A 273 -33.51 -1.87 -5.62
C LYS A 273 -32.66 -2.98 -4.99
N LYS A 274 -31.42 -3.12 -5.47
CA LYS A 274 -30.47 -4.12 -4.94
C LYS A 274 -29.68 -3.64 -3.72
N MET A 275 -29.79 -2.35 -3.36
CA MET A 275 -29.10 -1.84 -2.16
C MET A 275 -29.73 -2.46 -0.92
N PRO A 276 -28.92 -2.90 0.06
CA PRO A 276 -29.50 -3.58 1.23
C PRO A 276 -30.59 -2.78 1.97
N GLU A 277 -30.49 -1.45 1.99
CA GLU A 277 -31.46 -0.59 2.68
C GLU A 277 -32.53 0.01 1.74
N HIS A 278 -32.71 -0.56 0.55
CA HIS A 278 -33.68 0.00 -0.40
C HIS A 278 -35.10 0.03 0.17
N SER A 279 -35.50 -1.03 0.86
CA SER A 279 -36.85 -1.09 1.46
C SER A 279 -37.04 -0.15 2.65
N THR A 280 -35.96 0.13 3.39
CA THR A 280 -35.95 1.19 4.40
C THR A 280 -36.14 2.56 3.74
N LEU A 281 -35.47 2.79 2.62
CA LEU A 281 -35.62 4.01 1.83
C LEU A 281 -37.09 4.20 1.41
N MET A 282 -37.69 3.15 0.88
CA MET A 282 -39.10 3.18 0.45
C MET A 282 -40.07 3.43 1.62
N LYS A 283 -39.82 2.76 2.75
CA LYS A 283 -40.58 2.99 3.99
C LYS A 283 -40.47 4.46 4.46
N ASP A 284 -39.27 5.03 4.43
CA ASP A 284 -39.03 6.36 5.03
C ASP A 284 -39.25 7.56 4.11
N PHE A 285 -39.21 7.35 2.79
CA PHE A 285 -39.21 8.45 1.82
C PHE A 285 -40.33 8.31 0.78
N ARG A 286 -40.75 9.45 0.25
CA ARG A 286 -41.72 9.53 -0.83
C ARG A 286 -41.15 10.49 -1.86
N ARG A 287 -41.06 10.06 -3.11
CA ARG A 287 -40.46 10.91 -4.15
C ARG A 287 -41.16 12.28 -4.32
N ASN A 288 -42.47 12.33 -4.09
CA ASN A 288 -43.23 13.58 -4.22
C ASN A 288 -42.77 14.69 -3.27
N THR A 289 -42.14 14.31 -2.15
CA THR A 289 -41.47 15.25 -1.25
C THR A 289 -40.40 16.12 -1.95
N TYR A 290 -39.76 15.61 -3.00
CA TYR A 290 -38.62 16.29 -3.64
C TYR A 290 -38.86 16.69 -5.12
N THR A 291 -40.13 16.86 -5.51
CA THR A 291 -40.49 17.17 -6.92
C THR A 291 -39.81 18.44 -7.49
N ASN A 292 -39.74 19.49 -6.68
CA ASN A 292 -39.12 20.75 -7.09
C ASN A 292 -37.58 20.82 -6.90
N CYS A 293 -36.96 19.70 -6.50
CA CYS A 293 -35.54 19.67 -6.16
C CYS A 293 -34.66 19.22 -7.34
N SER A 294 -33.59 19.96 -7.59
CA SER A 294 -32.59 19.56 -8.59
C SER A 294 -31.26 20.26 -8.34
N LEU A 295 -30.19 19.63 -8.80
CA LEU A 295 -28.84 20.21 -8.68
C LEU A 295 -28.78 21.55 -9.40
N ILE A 296 -29.39 21.63 -10.58
CA ILE A 296 -29.56 22.89 -11.35
C ILE A 296 -30.08 24.01 -10.46
N LYS A 297 -31.19 23.75 -9.77
CA LYS A 297 -31.82 24.74 -8.90
C LYS A 297 -30.94 25.11 -7.72
N TYR A 298 -30.30 24.10 -7.10
CA TYR A 298 -29.43 24.36 -5.97
C TYR A 298 -28.27 25.26 -6.38
N MET A 299 -27.61 24.93 -7.49
CA MET A 299 -26.42 25.67 -7.93
C MET A 299 -26.74 27.08 -8.44
N GLU A 300 -27.91 27.26 -9.08
CA GLU A 300 -28.44 28.60 -9.41
C GLU A 300 -28.59 29.51 -8.19
N LYS A 301 -29.08 28.97 -7.06
CA LYS A 301 -29.18 29.74 -5.81
C LYS A 301 -27.82 30.25 -5.31
N HIS A 302 -26.76 29.51 -5.62
CA HIS A 302 -25.38 29.91 -5.29
C HIS A 302 -24.62 30.52 -6.50
N LYS A 303 -25.37 31.02 -7.47
CA LYS A 303 -24.83 31.79 -8.61
C LYS A 303 -23.79 31.07 -9.48
N VAL A 304 -23.94 29.75 -9.61
CA VAL A 304 -23.23 28.96 -10.63
C VAL A 304 -24.26 28.71 -11.72
N LYS A 305 -23.93 29.11 -12.96
CA LYS A 305 -24.85 29.01 -14.09
C LYS A 305 -24.95 27.54 -14.57
N PRO A 306 -26.17 27.05 -14.83
CA PRO A 306 -26.33 25.67 -15.28
C PRO A 306 -25.85 25.37 -16.69
N ASP A 307 -25.63 26.40 -17.51
CA ASP A 307 -25.01 26.23 -18.82
C ASP A 307 -23.47 26.36 -18.80
N SER A 308 -22.88 26.47 -17.61
CA SER A 308 -21.42 26.55 -17.47
C SER A 308 -20.79 25.18 -17.66
N LYS A 309 -19.59 25.14 -18.22
CA LYS A 309 -18.82 23.91 -18.30
C LYS A 309 -18.57 23.35 -16.91
N ALA A 310 -18.29 24.25 -15.95
CA ALA A 310 -18.20 23.88 -14.53
C ALA A 310 -19.39 23.06 -14.06
N PHE A 311 -20.61 23.54 -14.34
CA PHE A 311 -21.81 22.85 -13.87
C PHE A 311 -21.96 21.49 -14.52
N HIS A 312 -21.72 21.41 -15.84
CA HIS A 312 -21.88 20.15 -16.55
C HIS A 312 -20.88 19.10 -16.07
N LEU A 313 -19.66 19.50 -15.70
CA LEU A 313 -18.70 18.57 -15.07
C LEU A 313 -19.15 18.15 -13.68
N LEU A 314 -19.56 19.12 -12.85
CA LEU A 314 -20.06 18.82 -11.51
C LEU A 314 -21.19 17.80 -11.55
N GLN A 315 -22.13 17.99 -12.46
CA GLN A 315 -23.26 17.08 -12.58
C GLN A 315 -22.83 15.64 -12.99
N LYS A 316 -21.75 15.52 -13.76
CA LYS A 316 -21.22 14.20 -14.16
C LYS A 316 -20.51 13.48 -13.02
N LEU A 317 -19.98 14.23 -12.06
CA LEU A 317 -19.38 13.68 -10.85
C LEU A 317 -20.45 13.31 -9.80
N LEU A 318 -21.40 14.22 -9.59
CA LEU A 318 -22.53 14.02 -8.66
C LEU A 318 -23.71 13.34 -9.35
N THR A 319 -23.45 12.15 -9.85
CA THR A 319 -24.47 11.30 -10.44
C THR A 319 -24.78 10.26 -9.38
N MET A 320 -26.06 10.02 -9.17
CA MET A 320 -26.52 9.21 -8.03
C MET A 320 -26.16 7.75 -8.22
N ASP A 321 -26.44 7.20 -9.40
CA ASP A 321 -26.04 5.83 -9.73
C ASP A 321 -24.51 5.77 -9.90
N PRO A 322 -23.80 5.01 -9.03
CA PRO A 322 -22.33 4.99 -9.18
C PRO A 322 -21.83 4.50 -10.56
N ILE A 323 -22.54 3.60 -11.22
CA ILE A 323 -22.11 3.15 -12.57
C ILE A 323 -22.28 4.23 -13.67
N LYS A 324 -23.04 5.29 -13.37
CA LYS A 324 -23.21 6.43 -14.26
C LYS A 324 -22.34 7.64 -13.91
N ARG A 325 -21.49 7.54 -12.88
CA ARG A 325 -20.49 8.58 -12.60
C ARG A 325 -19.34 8.42 -13.56
N ILE A 326 -18.81 9.55 -14.05
CA ILE A 326 -17.60 9.50 -14.86
C ILE A 326 -16.40 9.11 -14.01
N THR A 327 -15.35 8.64 -14.67
CA THR A 327 -14.11 8.27 -14.00
C THR A 327 -13.23 9.53 -13.84
N SER A 328 -12.19 9.41 -13.03
CA SER A 328 -11.22 10.51 -12.82
C SER A 328 -10.53 10.92 -14.13
N GLU A 329 -10.20 9.94 -14.97
CA GLU A 329 -9.55 10.20 -16.28
C GLU A 329 -10.46 11.02 -17.19
N GLN A 330 -11.70 10.57 -17.30
CA GLN A 330 -12.71 11.25 -18.12
C GLN A 330 -12.91 12.68 -17.62
N ALA A 331 -12.98 12.84 -16.30
CA ALA A 331 -13.08 14.17 -15.68
C ALA A 331 -11.91 15.07 -16.06
N MET A 332 -10.69 14.52 -16.03
CA MET A 332 -9.50 15.27 -16.45
C MET A 332 -9.55 15.73 -17.91
N GLN A 333 -10.22 14.94 -18.76
CA GLN A 333 -10.40 15.28 -20.18
C GLN A 333 -11.55 16.24 -20.44
N ASP A 334 -12.26 16.68 -19.40
CA ASP A 334 -13.45 17.50 -19.58
C ASP A 334 -13.11 18.84 -20.23
N PRO A 335 -13.96 19.32 -21.17
CA PRO A 335 -13.69 20.63 -21.78
C PRO A 335 -13.59 21.83 -20.82
N TYR A 336 -14.10 21.69 -19.60
CA TYR A 336 -13.89 22.68 -18.54
C TYR A 336 -12.42 23.05 -18.33
N PHE A 337 -11.52 22.08 -18.45
CA PHE A 337 -10.09 22.30 -18.25
C PHE A 337 -9.38 22.91 -19.44
N LEU A 338 -10.06 22.97 -20.60
CA LEU A 338 -9.57 23.66 -21.79
C LEU A 338 -10.15 25.09 -21.92
N GLU A 339 -11.21 25.37 -21.18
CA GLU A 339 -11.85 26.69 -21.18
C GLU A 339 -10.96 27.69 -20.44
N ASP A 340 -10.92 28.93 -20.92
CA ASP A 340 -10.23 29.99 -20.20
C ASP A 340 -10.86 30.14 -18.81
N PRO A 341 -10.04 30.15 -17.71
CA PRO A 341 -8.59 30.04 -17.60
C PRO A 341 -8.10 28.61 -17.45
N LEU A 342 -6.90 28.33 -17.95
CA LEU A 342 -6.31 27.01 -17.83
C LEU A 342 -5.89 26.75 -16.38
N PRO A 343 -5.95 25.48 -15.92
CA PRO A 343 -5.44 25.19 -14.58
C PRO A 343 -3.94 25.43 -14.48
N THR A 344 -3.48 25.90 -13.32
CA THR A 344 -2.05 26.18 -13.11
C THR A 344 -1.46 25.19 -12.12
N SER A 345 -0.14 24.97 -12.23
CA SER A 345 0.61 24.10 -11.32
C SER A 345 0.61 24.61 -9.88
N ASP A 346 0.75 25.92 -9.72
CA ASP A 346 0.55 26.61 -8.44
C ASP A 346 -0.90 27.07 -8.44
N VAL A 347 -1.73 26.46 -7.59
CA VAL A 347 -3.16 26.80 -7.54
C VAL A 347 -3.41 28.25 -7.10
N PHE A 348 -2.44 28.84 -6.40
CA PHE A 348 -2.47 30.25 -6.01
C PHE A 348 -2.07 31.22 -7.15
N ALA A 349 -1.69 30.68 -8.31
CA ALA A 349 -1.42 31.47 -9.54
C ALA A 349 -0.33 32.52 -9.36
N GLY A 350 0.68 32.21 -8.54
CA GLY A 350 1.75 33.17 -8.22
C GLY A 350 1.35 34.34 -7.31
N CYS A 351 0.07 34.43 -6.94
CA CYS A 351 -0.47 35.55 -6.15
C CYS A 351 -0.17 35.33 -4.68
N GLN A 352 -0.18 36.41 -3.90
CA GLN A 352 0.05 36.35 -2.45
C GLN A 352 -0.98 35.44 -1.77
N ILE A 353 -0.51 34.63 -0.81
CA ILE A 353 -1.35 33.66 -0.09
C ILE A 353 -1.94 34.34 1.16
N PRO A 354 -3.27 34.62 1.17
CA PRO A 354 -3.87 35.28 2.32
C PRO A 354 -4.21 34.32 3.49
N TYR A 355 -4.11 33.01 3.27
CA TYR A 355 -4.61 32.02 4.24
C TYR A 355 -3.67 31.94 5.45
N PRO A 356 -4.22 31.93 6.67
CA PRO A 356 -3.34 31.83 7.84
C PRO A 356 -2.66 30.46 7.91
N LYS A 357 -1.41 30.45 8.40
CA LYS A 357 -0.68 29.21 8.65
C LYS A 357 -1.46 28.32 9.62
N ARG A 358 -1.31 27.00 9.48
CA ARG A 358 -2.03 26.08 10.36
C ARG A 358 -1.58 26.29 11.81
N GLU A 359 -2.55 26.36 12.71
CA GLU A 359 -2.29 26.62 14.12
C GLU A 359 -1.99 25.31 14.85
N PHE A 360 -1.27 25.42 15.96
CA PHE A 360 -0.97 24.27 16.82
C PHE A 360 -2.19 23.90 17.67
N LEU A 361 -2.32 22.61 17.97
CA LEU A 361 -3.40 22.08 18.82
C LEU A 361 -2.98 22.08 20.29
N ASP B 2 -9.07 -5.57 -8.15
CA ASP B 2 -7.63 -5.91 -8.40
C ASP B 2 -6.76 -5.36 -7.26
N LYS B 3 -5.56 -5.92 -7.12
CA LYS B 3 -4.69 -5.66 -5.97
C LYS B 3 -3.91 -4.35 -6.10
N ALA B 4 -3.69 -3.68 -4.98
CA ALA B 4 -2.98 -2.41 -4.91
C ALA B 4 -1.58 -2.49 -5.54
N MET B 5 -1.24 -1.53 -6.41
CA MET B 5 0.07 -1.45 -7.09
C MET B 5 0.36 -2.57 -8.13
N ALA B 6 -0.67 -3.26 -8.61
CA ALA B 6 -0.51 -4.44 -9.51
C ALA B 6 0.31 -4.20 -10.80
N GLY B 7 0.10 -3.08 -11.47
CA GLY B 7 0.82 -2.76 -12.71
C GLY B 7 2.04 -1.85 -12.57
N ASN B 8 2.58 -1.73 -11.36
CA ASN B 8 3.61 -0.73 -11.05
C ASN B 8 5.02 -1.30 -10.87
N PHE B 9 5.24 -2.56 -11.26
CA PHE B 9 6.52 -3.24 -10.99
C PHE B 9 7.71 -2.42 -11.42
N TRP B 10 7.66 -1.81 -12.61
CA TRP B 10 8.82 -1.07 -13.16
C TRP B 10 9.13 0.23 -12.44
N GLN B 11 8.25 0.68 -11.54
CA GLN B 11 8.50 1.82 -10.66
C GLN B 11 8.45 1.39 -9.19
N SER B 12 8.49 0.09 -8.93
CA SER B 12 8.32 -0.46 -7.59
C SER B 12 9.63 -0.44 -6.80
N SER B 13 9.53 -0.51 -5.48
CA SER B 13 10.70 -0.69 -4.64
C SER B 13 11.37 -2.06 -4.89
N HIS B 14 10.56 -3.09 -5.11
CA HIS B 14 11.05 -4.42 -5.52
C HIS B 14 12.05 -4.28 -6.67
N TYR B 15 11.61 -3.67 -7.76
CA TYR B 15 12.44 -3.52 -8.95
C TYR B 15 13.64 -2.58 -8.76
N LEU B 16 13.41 -1.43 -8.15
CA LEU B 16 14.43 -0.39 -8.06
C LEU B 16 15.49 -0.64 -6.98
N GLN B 17 15.11 -1.31 -5.88
CA GLN B 17 16.03 -1.59 -4.77
C GLN B 17 16.33 -3.06 -4.53
N TRP B 18 15.43 -3.98 -4.88
CA TRP B 18 15.55 -5.39 -4.45
C TRP B 18 15.68 -6.44 -5.56
N ILE B 19 16.10 -6.00 -6.74
CA ILE B 19 16.68 -6.88 -7.75
C ILE B 19 18.19 -6.67 -7.63
N LEU B 20 18.87 -7.65 -7.04
CA LEU B 20 20.27 -7.53 -6.65
C LEU B 20 21.19 -8.07 -7.75
N ASP B 21 22.44 -7.63 -7.71
CA ASP B 21 23.48 -8.15 -8.61
C ASP B 21 24.01 -9.43 -8.00
N LYS B 22 24.20 -10.45 -8.85
CA LYS B 22 24.69 -11.77 -8.39
C LYS B 22 26.06 -11.69 -7.71
N GLN B 23 26.97 -10.89 -8.25
CA GLN B 23 28.31 -10.73 -7.68
C GLN B 23 28.27 -10.10 -6.28
N ASP B 24 27.43 -9.08 -6.09
CA ASP B 24 27.19 -8.47 -4.77
C ASP B 24 26.65 -9.49 -3.74
N LEU B 25 25.70 -10.31 -4.17
CA LEU B 25 25.11 -11.37 -3.35
C LEU B 25 26.19 -12.38 -2.90
N LEU B 26 26.98 -12.86 -3.86
CA LEU B 26 28.01 -13.85 -3.55
C LEU B 26 29.16 -13.26 -2.71
N LYS B 27 29.51 -12.00 -2.93
CA LYS B 27 30.50 -11.30 -2.10
C LYS B 27 30.08 -11.26 -0.62
N GLU B 28 28.85 -10.82 -0.36
CA GLU B 28 28.31 -10.80 1.01
C GLU B 28 28.18 -12.20 1.64
N ARG B 29 27.94 -13.21 0.81
CA ARG B 29 27.84 -14.60 1.27
C ARG B 29 29.16 -15.21 1.80
N GLN B 30 30.30 -14.66 1.36
CA GLN B 30 31.62 -15.17 1.78
C GLN B 30 31.81 -15.22 3.30
N LYS B 31 31.29 -14.21 4.00
CA LYS B 31 31.18 -14.22 5.48
C LYS B 31 30.79 -15.62 6.01
N ASP B 32 29.65 -16.12 5.52
CA ASP B 32 29.10 -17.41 5.96
C ASP B 32 29.78 -18.63 5.33
N LEU B 33 30.38 -18.45 4.15
CA LEU B 33 31.11 -19.55 3.48
C LEU B 33 32.46 -19.93 4.14
N LYS B 34 32.90 -19.16 5.13
CA LYS B 34 34.00 -19.59 6.03
C LYS B 34 33.57 -20.77 6.92
N PHE B 35 32.28 -20.83 7.25
CA PHE B 35 31.72 -21.87 8.14
C PHE B 35 31.00 -23.01 7.39
N LEU B 36 30.43 -22.69 6.23
CA LEU B 36 29.63 -23.62 5.44
C LEU B 36 30.20 -23.69 4.01
N SER B 37 30.13 -24.86 3.39
CA SER B 37 30.44 -24.97 1.97
C SER B 37 29.32 -24.32 1.14
N GLU B 38 29.58 -24.12 -0.15
CA GLU B 38 28.58 -23.60 -1.10
C GLU B 38 27.36 -24.51 -1.15
N GLU B 39 27.64 -25.80 -1.21
CA GLU B 39 26.63 -26.85 -1.17
C GLU B 39 25.76 -26.77 0.10
N GLU B 40 26.41 -26.67 1.25
CA GLU B 40 25.71 -26.61 2.53
C GLU B 40 24.85 -25.36 2.68
N TYR B 41 25.33 -24.23 2.13
CA TYR B 41 24.55 -23.00 2.11
C TYR B 41 23.27 -23.11 1.27
N TRP B 42 23.36 -23.67 0.05
CA TRP B 42 22.13 -23.87 -0.74
C TRP B 42 21.21 -24.94 -0.14
N LYS B 43 21.76 -25.87 0.64
CA LYS B 43 20.92 -26.84 1.38
C LYS B 43 20.13 -26.16 2.52
N LEU B 44 20.80 -25.29 3.27
CA LEU B 44 20.13 -24.45 4.30
C LEU B 44 19.00 -23.59 3.74
N GLN B 45 19.20 -23.05 2.53
CA GLN B 45 18.18 -22.23 1.86
C GLN B 45 16.95 -23.06 1.51
N ILE B 46 17.17 -24.25 0.95
CA ILE B 46 16.07 -25.21 0.71
C ILE B 46 15.33 -25.47 2.02
N PHE B 47 16.08 -25.81 3.07
CA PHE B 47 15.51 -26.14 4.36
C PHE B 47 14.62 -25.03 4.91
N PHE B 48 15.10 -23.79 4.91
CA PHE B 48 14.30 -22.69 5.46
C PHE B 48 13.16 -22.27 4.54
N THR B 49 13.31 -22.46 3.24
CA THR B 49 12.17 -22.35 2.32
C THR B 49 11.05 -23.29 2.74
N ASN B 50 11.42 -24.55 3.02
CA ASN B 50 10.46 -25.56 3.49
C ASN B 50 9.83 -25.25 4.86
N VAL B 51 10.64 -24.70 5.76
CA VAL B 51 10.12 -24.26 7.07
C VAL B 51 9.06 -23.17 6.90
N ILE B 52 9.34 -22.17 6.07
CA ILE B 52 8.39 -21.07 5.86
C ILE B 52 7.09 -21.60 5.22
N GLN B 53 7.23 -22.48 4.24
CA GLN B 53 6.07 -23.12 3.57
C GLN B 53 5.22 -23.88 4.59
N ALA B 54 5.89 -24.65 5.45
CA ALA B 54 5.20 -25.42 6.48
C ALA B 54 4.47 -24.51 7.46
N LEU B 55 5.12 -23.41 7.85
CA LEU B 55 4.50 -22.44 8.76
C LEU B 55 3.24 -21.82 8.12
N GLY B 56 3.37 -21.40 6.87
CA GLY B 56 2.26 -20.85 6.10
C GLY B 56 1.08 -21.80 5.93
N GLU B 57 1.38 -23.06 5.62
CA GLU B 57 0.36 -24.10 5.49
C GLU B 57 -0.38 -24.35 6.80
N HIS B 58 0.36 -24.39 7.91
CA HIS B 58 -0.23 -24.60 9.25
C HIS B 58 -1.19 -23.47 9.61
N LEU B 59 -0.79 -22.24 9.29
CA LEU B 59 -1.62 -21.04 9.52
C LEU B 59 -2.70 -20.77 8.45
N LYS B 60 -2.79 -21.62 7.42
CA LYS B 60 -3.81 -21.52 6.35
C LYS B 60 -3.70 -20.23 5.54
N LEU B 61 -2.46 -19.83 5.24
CA LEU B 61 -2.18 -18.65 4.45
C LEU B 61 -2.10 -19.07 2.97
N ARG B 62 -2.52 -18.18 2.07
CA ARG B 62 -2.40 -18.42 0.64
C ARG B 62 -0.94 -18.40 0.20
N GLN B 63 -0.66 -19.00 -0.96
CA GLN B 63 0.72 -19.15 -1.44
C GLN B 63 1.44 -17.81 -1.59
N GLN B 64 0.73 -16.78 -2.02
CA GLN B 64 1.32 -15.44 -2.21
C GLN B 64 1.86 -14.83 -0.91
N VAL B 65 1.19 -15.12 0.21
CA VAL B 65 1.65 -14.69 1.53
C VAL B 65 2.93 -15.44 1.93
N ILE B 66 2.92 -16.74 1.68
CA ILE B 66 4.10 -17.58 1.90
C ILE B 66 5.26 -17.09 1.05
N ALA B 67 4.97 -16.78 -0.23
CA ALA B 67 6.00 -16.28 -1.14
C ALA B 67 6.60 -14.97 -0.64
N THR B 68 5.76 -14.03 -0.21
CA THR B 68 6.23 -12.74 0.33
C THR B 68 7.11 -12.94 1.57
N ALA B 69 6.64 -13.78 2.52
CA ALA B 69 7.43 -14.12 3.72
C ALA B 69 8.81 -14.68 3.34
N THR B 70 8.83 -15.54 2.33
CA THR B 70 10.07 -16.15 1.83
C THR B 70 11.02 -15.12 1.25
N VAL B 71 10.48 -14.17 0.48
CA VAL B 71 11.28 -13.07 -0.06
C VAL B 71 11.88 -12.20 1.05
N TYR B 72 11.13 -11.94 2.10
CA TYR B 72 11.61 -11.15 3.23
C TYR B 72 12.82 -11.82 3.89
N PHE B 73 12.68 -13.12 4.15
CA PHE B 73 13.75 -13.97 4.68
C PHE B 73 15.01 -13.89 3.81
N LYS B 74 14.83 -14.08 2.51
CA LYS B 74 15.94 -14.04 1.54
C LYS B 74 16.65 -12.70 1.49
N ARG B 75 15.87 -11.62 1.52
CA ARG B 75 16.43 -10.28 1.51
C ARG B 75 17.30 -10.00 2.73
N PHE B 76 16.83 -10.47 3.89
CA PHE B 76 17.57 -10.31 5.13
C PHE B 76 18.95 -10.97 5.08
N TYR B 77 18.98 -12.27 4.76
CA TYR B 77 20.24 -13.02 4.72
C TYR B 77 21.07 -12.81 3.46
N ALA B 78 20.50 -12.15 2.45
CA ALA B 78 21.25 -11.63 1.31
C ALA B 78 22.25 -10.55 1.73
N ARG B 79 21.87 -9.80 2.76
CA ARG B 79 22.68 -8.73 3.33
C ARG B 79 23.48 -9.19 4.55
N TYR B 80 22.87 -9.98 5.42
CA TYR B 80 23.45 -10.33 6.73
C TYR B 80 23.76 -11.79 6.90
N SER B 81 24.70 -12.04 7.82
CA SER B 81 25.11 -13.39 8.16
C SER B 81 23.99 -14.13 8.86
N LEU B 82 24.01 -15.46 8.72
CA LEU B 82 23.09 -16.35 9.42
C LEU B 82 23.21 -16.23 10.96
N LYS B 83 24.36 -15.78 11.46
CA LYS B 83 24.55 -15.62 12.90
C LYS B 83 23.88 -14.36 13.46
N SER B 84 23.45 -13.45 12.60
CA SER B 84 23.01 -12.12 13.05
C SER B 84 21.71 -12.22 13.85
N ILE B 85 20.72 -12.89 13.26
CA ILE B 85 19.50 -13.28 13.95
C ILE B 85 19.24 -14.75 13.62
N ASP B 86 18.83 -15.53 14.62
CA ASP B 86 18.51 -16.96 14.42
C ASP B 86 17.48 -17.08 13.28
N PRO B 87 17.81 -17.84 12.20
CA PRO B 87 16.80 -18.03 11.15
C PRO B 87 15.52 -18.73 11.63
N VAL B 88 15.62 -19.51 12.71
CA VAL B 88 14.47 -20.11 13.37
C VAL B 88 13.51 -19.04 13.91
N LEU B 89 14.05 -17.89 14.35
CA LEU B 89 13.23 -16.74 14.76
C LEU B 89 12.78 -15.93 13.55
N MET B 90 13.69 -15.71 12.60
CA MET B 90 13.40 -14.92 11.41
C MET B 90 12.25 -15.51 10.57
N ALA B 91 12.22 -16.83 10.41
CA ALA B 91 11.20 -17.48 9.55
C ALA B 91 9.74 -17.17 10.00
N PRO B 92 9.38 -17.41 11.27
CA PRO B 92 8.00 -17.05 11.68
C PRO B 92 7.75 -15.53 11.72
N THR B 93 8.80 -14.74 11.98
CA THR B 93 8.68 -13.28 11.92
C THR B 93 8.32 -12.81 10.51
N CYS B 94 8.96 -13.38 9.50
CA CYS B 94 8.66 -13.05 8.11
C CYS B 94 7.24 -13.41 7.71
N VAL B 95 6.77 -14.57 8.18
CA VAL B 95 5.38 -14.99 7.94
C VAL B 95 4.38 -14.02 8.63
N PHE B 96 4.68 -13.65 9.88
CA PHE B 96 3.90 -12.70 10.67
C PHE B 96 3.80 -11.32 9.98
N LEU B 97 4.92 -10.80 9.48
CA LEU B 97 4.89 -9.51 8.77
C LEU B 97 4.18 -9.63 7.40
N ALA B 98 4.47 -10.68 6.64
CA ALA B 98 3.85 -10.92 5.32
C ALA B 98 2.31 -10.98 5.42
N SER B 99 1.82 -11.66 6.45
CA SER B 99 0.39 -11.78 6.69
C SER B 99 -0.30 -10.42 6.88
N LYS B 100 0.38 -9.49 7.57
CA LYS B 100 -0.13 -8.14 7.76
C LYS B 100 -0.11 -7.36 6.44
N VAL B 101 0.99 -7.46 5.71
CA VAL B 101 1.18 -6.72 4.46
C VAL B 101 0.19 -7.16 3.38
N GLU B 102 0.01 -8.47 3.24
CA GLU B 102 -0.93 -9.04 2.27
C GLU B 102 -2.42 -8.95 2.69
N GLU B 103 -2.68 -8.31 3.84
CA GLU B 103 -4.01 -7.94 4.32
C GLU B 103 -4.86 -9.13 4.76
N PHE B 104 -4.20 -10.18 5.26
CA PHE B 104 -4.89 -11.30 5.90
C PHE B 104 -5.04 -11.11 7.42
N GLY B 105 -4.13 -10.34 8.01
CA GLY B 105 -4.28 -9.84 9.38
C GLY B 105 -3.12 -10.18 10.29
N VAL B 106 -3.30 -9.80 11.55
CA VAL B 106 -2.32 -10.00 12.62
C VAL B 106 -2.57 -11.40 13.20
N VAL B 107 -1.64 -12.32 12.97
CA VAL B 107 -1.73 -13.64 13.56
C VAL B 107 -1.58 -13.43 15.06
N SER B 108 -2.48 -13.99 15.85
CA SER B 108 -2.47 -13.75 17.30
C SER B 108 -1.21 -14.31 17.95
N ASN B 109 -0.88 -13.80 19.12
CA ASN B 109 0.30 -14.24 19.87
C ASN B 109 0.32 -15.75 20.06
N THR B 110 -0.79 -16.28 20.55
CA THR B 110 -0.88 -17.71 20.87
C THR B 110 -0.81 -18.57 19.62
N ARG B 111 -1.44 -18.11 18.54
CA ARG B 111 -1.49 -18.86 17.30
C ARG B 111 -0.14 -18.89 16.55
N LEU B 112 0.52 -17.73 16.45
CA LEU B 112 1.84 -17.68 15.81
C LEU B 112 2.83 -18.60 16.54
N ILE B 113 2.92 -18.47 17.86
CA ILE B 113 3.86 -19.25 18.66
C ILE B 113 3.49 -20.74 18.70
N ALA B 114 2.18 -21.05 18.74
CA ALA B 114 1.73 -22.46 18.67
C ALA B 114 1.99 -23.09 17.30
N ALA B 115 1.91 -22.30 16.22
CA ALA B 115 2.23 -22.76 14.87
C ALA B 115 3.72 -23.05 14.72
N ALA B 116 4.56 -22.10 15.13
CA ALA B 116 6.01 -22.29 15.14
C ALA B 116 6.41 -23.56 15.91
N THR B 117 5.86 -23.72 17.10
CA THR B 117 6.18 -24.84 17.99
C THR B 117 5.71 -26.18 17.39
N SER B 118 4.48 -26.21 16.89
CA SER B 118 3.87 -27.43 16.34
C SER B 118 4.59 -27.88 15.07
N VAL B 119 4.87 -26.94 14.18
CA VAL B 119 5.50 -27.25 12.89
C VAL B 119 6.93 -27.81 13.07
N LEU B 120 7.73 -27.19 13.92
CA LEU B 120 9.08 -27.68 14.17
C LEU B 120 9.06 -29.07 14.82
N LYS B 121 8.10 -29.29 15.73
CA LYS B 121 7.95 -30.56 16.43
C LYS B 121 7.46 -31.67 15.50
N THR B 122 6.40 -31.41 14.73
CA THR B 122 5.76 -32.45 13.93
C THR B 122 6.40 -32.68 12.55
N ARG B 123 6.95 -31.63 11.95
CA ARG B 123 7.49 -31.73 10.58
C ARG B 123 9.03 -31.61 10.48
N PHE B 124 9.70 -31.10 11.52
CA PHE B 124 11.15 -30.88 11.51
C PHE B 124 11.89 -31.41 12.76
N SER B 125 11.36 -32.44 13.42
CA SER B 125 12.06 -33.03 14.59
C SER B 125 13.43 -33.62 14.22
N TYR B 126 13.63 -33.98 12.96
CA TYR B 126 14.96 -34.42 12.47
C TYR B 126 16.06 -33.37 12.58
N ALA B 127 15.67 -32.09 12.46
CA ALA B 127 16.58 -30.97 12.53
C ALA B 127 16.65 -30.34 13.92
N PHE B 128 15.51 -30.33 14.64
CA PHE B 128 15.37 -29.60 15.90
C PHE B 128 14.90 -30.52 17.03
N PRO B 129 15.83 -31.02 17.87
CA PRO B 129 15.41 -31.87 18.99
C PRO B 129 14.78 -31.08 20.15
N LYS B 130 15.10 -29.79 20.27
CA LYS B 130 14.51 -28.93 21.31
C LYS B 130 13.30 -28.18 20.77
N GLU B 131 12.38 -27.85 21.68
CA GLU B 131 11.19 -27.09 21.36
C GLU B 131 11.53 -25.67 20.89
N PHE B 132 10.66 -25.08 20.07
CA PHE B 132 10.75 -23.67 19.67
C PHE B 132 10.92 -22.77 20.91
N PRO B 133 12.09 -22.14 21.10
CA PRO B 133 12.39 -21.44 22.33
C PRO B 133 11.93 -19.98 22.41
N TYR B 134 11.39 -19.42 21.33
CA TYR B 134 11.06 -18.01 21.26
C TYR B 134 9.61 -17.71 21.59
N ARG B 135 9.40 -16.49 22.05
CA ARG B 135 8.12 -15.97 22.49
C ARG B 135 7.85 -14.72 21.68
N MET B 136 6.66 -14.16 21.88
CA MET B 136 6.20 -13.07 21.04
C MET B 136 7.06 -11.81 21.11
N ASN B 137 7.62 -11.52 22.29
CA ASN B 137 8.51 -10.37 22.43
C ASN B 137 9.75 -10.49 21.52
N HIS B 138 10.20 -11.72 21.28
CA HIS B 138 11.31 -11.97 20.35
C HIS B 138 10.88 -11.72 18.91
N ILE B 139 9.68 -12.17 18.56
CA ILE B 139 9.10 -11.97 17.23
C ILE B 139 8.96 -10.48 16.97
N LEU B 140 8.44 -9.74 17.94
CA LEU B 140 8.21 -8.29 17.79
C LEU B 140 9.54 -7.53 17.61
N GLU B 141 10.55 -7.91 18.39
CA GLU B 141 11.89 -7.31 18.23
C GLU B 141 12.46 -7.63 16.87
N CYS B 142 12.39 -8.91 16.47
CA CYS B 142 12.91 -9.34 15.17
C CYS B 142 12.21 -8.59 14.01
N GLU B 143 10.91 -8.36 14.15
CA GLU B 143 10.13 -7.64 13.14
C GLU B 143 10.66 -6.21 12.87
N PHE B 144 11.03 -5.51 13.95
CA PHE B 144 11.67 -4.20 13.83
C PHE B 144 12.99 -4.23 13.04
N TYR B 145 13.84 -5.23 13.30
CA TYR B 145 15.11 -5.40 12.54
C TYR B 145 14.85 -5.75 11.07
N LEU B 146 13.87 -6.61 10.83
CA LEU B 146 13.52 -7.03 9.46
C LEU B 146 13.04 -5.84 8.63
N LEU B 147 12.12 -5.05 9.18
CA LEU B 147 11.58 -3.88 8.49
C LEU B 147 12.67 -2.86 8.16
N GLU B 148 13.58 -2.64 9.11
CA GLU B 148 14.71 -1.74 8.93
C GLU B 148 15.65 -2.23 7.82
N LEU B 149 16.03 -3.51 7.83
CA LEU B 149 16.93 -4.05 6.79
C LEU B 149 16.33 -3.95 5.40
N MET B 150 15.02 -4.17 5.29
CA MET B 150 14.32 -4.06 4.01
C MET B 150 14.06 -2.62 3.58
N ASP B 151 14.42 -1.67 4.45
CA ASP B 151 14.23 -0.26 4.20
C ASP B 151 12.74 0.04 3.98
N CYS B 152 11.89 -0.65 4.75
CA CYS B 152 10.42 -0.55 4.67
C CYS B 152 9.80 -0.90 3.31
N CYS B 153 10.52 -1.70 2.51
CA CYS B 153 10.04 -2.16 1.21
C CYS B 153 9.23 -3.41 1.49
N LEU B 154 7.90 -3.30 1.45
CA LEU B 154 7.00 -4.35 1.93
C LEU B 154 6.24 -5.06 0.80
N ILE B 155 5.83 -4.30 -0.21
CA ILE B 155 5.09 -4.86 -1.35
C ILE B 155 6.04 -5.61 -2.28
N VAL B 156 5.72 -6.88 -2.54
CA VAL B 156 6.55 -7.78 -3.32
C VAL B 156 5.73 -8.37 -4.48
N TYR B 157 6.36 -8.45 -5.65
CA TYR B 157 5.77 -9.02 -6.86
C TYR B 157 6.27 -10.46 -7.02
N HIS B 158 5.40 -11.35 -7.49
CA HIS B 158 5.73 -12.76 -7.61
C HIS B 158 5.39 -13.26 -9.04
N PRO B 159 5.96 -14.41 -9.46
CA PRO B 159 5.70 -14.91 -10.82
C PRO B 159 4.29 -15.48 -11.09
N TYR B 160 3.46 -15.66 -10.06
CA TYR B 160 2.16 -16.36 -10.21
C TYR B 160 1.20 -15.60 -11.10
N ARG B 161 1.12 -14.29 -10.91
CA ARG B 161 0.22 -13.45 -11.68
C ARG B 161 0.59 -13.40 -13.17
N PRO B 162 1.85 -13.04 -13.53
CA PRO B 162 2.19 -13.09 -14.96
C PRO B 162 2.10 -14.50 -15.57
N LEU B 163 2.44 -15.53 -14.81
CA LEU B 163 2.26 -16.93 -15.25
C LEU B 163 0.81 -17.20 -15.67
N LEU B 164 -0.13 -16.85 -14.79
CA LEU B 164 -1.55 -17.02 -15.07
C LEU B 164 -1.95 -16.30 -16.36
N GLN B 165 -1.45 -15.07 -16.54
CA GLN B 165 -1.71 -14.31 -17.76
C GLN B 165 -1.11 -14.99 -19.00
N TYR B 166 0.11 -15.52 -18.89
CA TYR B 166 0.72 -16.23 -20.02
C TYR B 166 -0.05 -17.50 -20.43
N VAL B 167 -0.43 -18.34 -19.46
CA VAL B 167 -1.13 -19.59 -19.78
C VAL B 167 -2.55 -19.36 -20.33
N GLN B 168 -3.24 -18.34 -19.81
CA GLN B 168 -4.52 -17.89 -20.39
C GLN B 168 -4.36 -17.45 -21.84
N ASP B 169 -3.34 -16.64 -22.11
CA ASP B 169 -3.01 -16.23 -23.48
C ASP B 169 -2.71 -17.43 -24.39
N MET B 170 -1.96 -18.42 -23.88
CA MET B 170 -1.74 -19.69 -24.59
C MET B 170 -3.03 -20.46 -24.90
N GLY B 171 -4.04 -20.30 -24.05
CA GLY B 171 -5.27 -21.11 -24.11
C GLY B 171 -5.01 -22.50 -23.55
N GLN B 172 -4.10 -22.61 -22.58
CA GLN B 172 -3.66 -23.89 -22.04
C GLN B 172 -3.60 -23.87 -20.52
N GLU B 173 -4.56 -23.18 -19.88
CA GLU B 173 -4.60 -23.05 -18.42
C GLU B 173 -4.75 -24.42 -17.74
N ASP B 174 -5.68 -25.24 -18.22
CA ASP B 174 -5.96 -26.54 -17.59
C ASP B 174 -4.78 -27.50 -17.71
N MET B 175 -4.17 -27.54 -18.89
CA MET B 175 -3.07 -28.46 -19.18
C MET B 175 -1.77 -28.08 -18.43
N LEU B 176 -1.39 -26.80 -18.51
CA LEU B 176 -0.07 -26.33 -18.08
C LEU B 176 0.01 -25.64 -16.71
N LEU B 177 -1.08 -25.03 -16.24
CA LEU B 177 -1.01 -24.19 -15.02
C LEU B 177 -0.62 -24.96 -13.77
N PRO B 178 -1.19 -26.16 -13.53
CA PRO B 178 -0.82 -26.88 -12.30
C PRO B 178 0.68 -27.17 -12.20
N LEU B 179 1.29 -27.69 -13.27
CA LEU B 179 2.74 -27.94 -13.26
C LEU B 179 3.56 -26.64 -13.21
N ALA B 180 3.27 -25.68 -14.08
CA ALA B 180 4.04 -24.43 -14.10
C ALA B 180 4.00 -23.69 -12.75
N TRP B 181 2.85 -23.70 -12.09
CA TRP B 181 2.64 -23.10 -10.77
C TRP B 181 3.52 -23.80 -9.71
N ARG B 182 3.50 -25.12 -9.73
CA ARG B 182 4.36 -25.92 -8.88
C ARG B 182 5.85 -25.61 -9.09
N ILE B 183 6.27 -25.39 -10.34
CA ILE B 183 7.67 -25.07 -10.62
C ILE B 183 8.01 -23.67 -10.08
N VAL B 184 7.07 -22.72 -10.18
CA VAL B 184 7.25 -21.40 -9.56
C VAL B 184 7.51 -21.52 -8.05
N ASN B 185 6.70 -22.34 -7.36
CA ASN B 185 6.94 -22.62 -5.93
C ASN B 185 8.37 -23.10 -5.70
N ASP B 186 8.82 -24.03 -6.53
CA ASP B 186 10.14 -24.61 -6.37
C ASP B 186 11.28 -23.62 -6.60
N THR B 187 11.06 -22.57 -7.39
CA THR B 187 12.09 -21.56 -7.62
C THR B 187 12.49 -20.82 -6.35
N TYR B 188 11.59 -20.78 -5.36
CA TYR B 188 11.91 -20.15 -4.06
C TYR B 188 12.96 -20.92 -3.25
N ARG B 189 13.28 -22.16 -3.65
CA ARG B 189 14.45 -22.86 -3.12
C ARG B 189 15.78 -22.22 -3.53
N THR B 190 15.77 -21.34 -4.54
CA THR B 190 16.97 -20.71 -5.06
C THR B 190 16.97 -19.20 -4.82
N ASP B 191 18.03 -18.56 -5.30
CA ASP B 191 18.21 -17.10 -5.33
C ASP B 191 17.46 -16.36 -6.44
N LEU B 192 16.73 -17.08 -7.30
CA LEU B 192 16.12 -16.45 -8.51
C LEU B 192 15.29 -15.19 -8.26
N CYS B 193 14.45 -15.21 -7.24
CA CYS B 193 13.58 -14.06 -6.93
C CYS B 193 14.36 -12.77 -6.56
N LEU B 194 15.62 -12.92 -6.11
CA LEU B 194 16.50 -11.79 -5.84
C LEU B 194 17.19 -11.23 -7.08
N LEU B 195 17.19 -11.98 -8.18
CA LEU B 195 18.03 -11.68 -9.34
C LEU B 195 17.29 -11.33 -10.64
N TYR B 196 16.03 -11.75 -10.78
CA TYR B 196 15.26 -11.54 -12.01
C TYR B 196 13.86 -11.03 -11.72
N PRO B 197 13.30 -10.18 -12.61
CA PRO B 197 11.90 -9.81 -12.49
C PRO B 197 10.99 -11.05 -12.53
N PRO B 198 9.89 -11.04 -11.75
CA PRO B 198 8.98 -12.19 -11.66
C PRO B 198 8.47 -12.74 -12.99
N PHE B 199 8.16 -11.87 -13.96
CA PHE B 199 7.65 -12.32 -15.26
C PHE B 199 8.66 -13.20 -16.00
N MET B 200 9.96 -12.95 -15.83
CA MET B 200 11.01 -13.78 -16.46
C MET B 200 11.02 -15.16 -15.82
N ILE B 201 10.87 -15.18 -14.50
CA ILE B 201 10.80 -16.43 -13.75
C ILE B 201 9.54 -17.21 -14.19
N ALA B 202 8.41 -16.51 -14.33
CA ALA B 202 7.17 -17.15 -14.85
C ALA B 202 7.38 -17.79 -16.23
N LEU B 203 8.04 -17.07 -17.12
CA LEU B 203 8.32 -17.59 -18.48
C LEU B 203 9.22 -18.82 -18.45
N ALA B 204 10.25 -18.80 -17.61
CA ALA B 204 11.16 -19.95 -17.46
C ALA B 204 10.42 -21.20 -16.92
N CYS B 205 9.62 -21.01 -15.88
CA CYS B 205 8.81 -22.08 -15.30
C CYS B 205 7.80 -22.68 -16.30
N LEU B 206 7.15 -21.81 -17.07
CA LEU B 206 6.24 -22.21 -18.13
C LEU B 206 6.97 -23.02 -19.21
N HIS B 207 8.15 -22.56 -19.61
CA HIS B 207 8.97 -23.32 -20.57
C HIS B 207 9.30 -24.72 -20.07
N VAL B 208 9.78 -24.82 -18.83
CA VAL B 208 10.11 -26.12 -18.24
C VAL B 208 8.85 -27.02 -18.16
N ALA B 209 7.70 -26.44 -17.78
CA ALA B 209 6.44 -27.20 -17.79
C ALA B 209 6.08 -27.73 -19.20
N CYS B 210 6.32 -26.91 -20.23
CA CYS B 210 6.06 -27.32 -21.61
C CYS B 210 6.95 -28.48 -22.05
N VAL B 211 8.24 -28.41 -21.70
CA VAL B 211 9.19 -29.48 -22.00
C VAL B 211 8.80 -30.76 -21.25
N VAL B 212 8.41 -30.63 -19.97
CA VAL B 212 8.03 -31.81 -19.19
C VAL B 212 6.79 -32.50 -19.76
N GLN B 213 5.77 -31.73 -20.14
CA GLN B 213 4.54 -32.26 -20.72
C GLN B 213 4.60 -32.42 -22.25
N GLN B 214 5.79 -32.29 -22.84
CA GLN B 214 6.02 -32.46 -24.28
C GLN B 214 5.04 -31.64 -25.13
N LYS B 215 4.87 -30.37 -24.75
CA LYS B 215 4.04 -29.42 -25.47
C LYS B 215 4.94 -28.49 -26.27
N ASP B 216 4.67 -28.38 -27.58
CA ASP B 216 5.42 -27.50 -28.44
C ASP B 216 4.85 -26.08 -28.30
N ALA B 217 5.59 -25.21 -27.61
CA ALA B 217 5.24 -23.79 -27.48
C ALA B 217 6.29 -22.86 -28.10
N ARG B 218 7.10 -23.41 -29.01
CA ARG B 218 8.25 -22.68 -29.58
C ARG B 218 7.84 -21.38 -30.28
N GLN B 219 6.78 -21.46 -31.09
CA GLN B 219 6.26 -20.31 -31.82
C GLN B 219 5.74 -19.22 -30.87
N TRP B 220 5.00 -19.62 -29.84
CA TRP B 220 4.52 -18.69 -28.83
C TRP B 220 5.67 -17.98 -28.11
N PHE B 221 6.67 -18.76 -27.68
CA PHE B 221 7.87 -18.19 -27.05
C PHE B 221 8.66 -17.25 -27.98
N ALA B 222 8.83 -17.65 -29.24
CA ALA B 222 9.49 -16.83 -30.26
C ALA B 222 8.80 -15.49 -30.50
N GLU B 223 7.46 -15.47 -30.42
CA GLU B 223 6.67 -14.25 -30.62
C GLU B 223 6.75 -13.24 -29.48
N LEU B 224 7.29 -13.63 -28.32
CA LEU B 224 7.50 -12.71 -27.20
C LEU B 224 8.66 -11.75 -27.47
N SER B 225 8.56 -10.56 -26.90
CA SER B 225 9.64 -9.57 -26.93
C SER B 225 10.32 -9.58 -25.58
N VAL B 226 11.26 -10.50 -25.40
CA VAL B 226 12.00 -10.64 -24.15
C VAL B 226 13.41 -11.20 -24.42
N ASP B 227 14.36 -10.87 -23.55
CA ASP B 227 15.73 -11.38 -23.64
C ASP B 227 15.72 -12.88 -23.33
N MET B 228 15.73 -13.71 -24.38
CA MET B 228 15.72 -15.16 -24.21
C MET B 228 17.01 -15.72 -23.57
N GLU B 229 18.11 -14.99 -23.66
CA GLU B 229 19.36 -15.37 -22.99
C GLU B 229 19.15 -15.39 -21.47
N LYS B 230 18.45 -14.38 -20.96
CA LYS B 230 18.08 -14.33 -19.54
C LYS B 230 17.13 -15.47 -19.15
N ILE B 231 16.13 -15.74 -19.99
CA ILE B 231 15.18 -16.83 -19.73
C ILE B 231 15.90 -18.18 -19.64
N LEU B 232 16.85 -18.42 -20.55
CA LEU B 232 17.67 -19.64 -20.54
C LEU B 232 18.55 -19.76 -19.29
N GLU B 233 19.15 -18.66 -18.85
CA GLU B 233 19.85 -18.61 -17.55
C GLU B 233 18.96 -19.12 -16.42
N ILE B 234 17.71 -18.64 -16.41
CA ILE B 234 16.75 -19.04 -15.36
C ILE B 234 16.38 -20.53 -15.48
N ILE B 235 16.11 -20.98 -16.71
CA ILE B 235 15.81 -22.39 -16.99
C ILE B 235 16.93 -23.31 -16.48
N ARG B 236 18.19 -22.93 -16.72
CA ARG B 236 19.35 -23.70 -16.23
C ARG B 236 19.39 -23.85 -14.70
N VAL B 237 19.07 -22.77 -13.99
CA VAL B 237 18.96 -22.84 -12.51
C VAL B 237 17.82 -23.78 -12.07
N ILE B 238 16.68 -23.69 -12.75
CA ILE B 238 15.53 -24.57 -12.48
C ILE B 238 15.89 -26.03 -12.72
N LEU B 239 16.52 -26.34 -13.86
CA LEU B 239 16.93 -27.73 -14.14
C LEU B 239 17.95 -28.25 -13.11
N LYS B 240 18.87 -27.39 -12.69
CA LYS B 240 19.84 -27.74 -11.66
C LYS B 240 19.18 -27.96 -10.29
N LEU B 241 18.19 -27.15 -9.94
CA LEU B 241 17.50 -27.30 -8.64
C LEU B 241 16.88 -28.70 -8.50
N TYR B 242 16.40 -29.30 -9.60
CA TYR B 242 15.85 -30.67 -9.54
C TYR B 242 16.90 -31.76 -9.40
N GLU B 243 18.07 -31.55 -10.00
CA GLU B 243 19.19 -32.46 -9.77
C GLU B 243 19.71 -32.35 -8.33
N GLN B 244 19.80 -31.12 -7.83
CA GLN B 244 20.13 -30.88 -6.41
C GLN B 244 19.13 -31.56 -5.45
N TRP B 245 17.84 -31.42 -5.78
CA TRP B 245 16.73 -32.06 -5.03
C TRP B 245 16.92 -33.57 -4.93
N LYS B 246 17.15 -34.20 -6.07
CA LYS B 246 17.42 -35.64 -6.17
C LYS B 246 18.55 -36.07 -5.22
N ASN B 247 19.66 -35.37 -5.29
CA ASN B 247 20.88 -35.73 -4.53
C ASN B 247 20.89 -35.31 -3.06
N PHE B 248 19.97 -34.44 -2.67
CA PHE B 248 19.91 -33.92 -1.30
C PHE B 248 18.97 -34.76 -0.41
N ASP B 249 19.51 -35.29 0.67
CA ASP B 249 18.68 -35.98 1.67
C ASP B 249 18.57 -35.04 2.87
N GLU B 250 17.57 -34.16 2.82
CA GLU B 250 17.38 -33.12 3.81
C GLU B 250 17.29 -33.64 5.24
N ARG B 251 16.54 -34.72 5.42
CA ARG B 251 16.31 -35.28 6.75
C ARG B 251 17.55 -35.89 7.36
N LYS B 252 18.39 -36.48 6.52
CA LYS B 252 19.63 -37.08 6.98
C LYS B 252 20.74 -36.04 7.25
N GLU B 253 20.76 -34.94 6.50
CA GLU B 253 21.87 -33.99 6.48
C GLU B 253 21.68 -32.73 7.32
N MET B 254 20.43 -32.30 7.54
CA MET B 254 20.20 -30.94 8.04
C MET B 254 20.67 -30.70 9.46
N ALA B 255 20.57 -31.69 10.35
CA ALA B 255 21.02 -31.50 11.74
C ALA B 255 22.50 -31.10 11.77
N THR B 256 23.32 -31.78 10.98
CA THR B 256 24.76 -31.51 10.93
C THR B 256 25.05 -30.15 10.27
N ILE B 257 24.36 -29.85 9.17
CA ILE B 257 24.52 -28.56 8.50
C ILE B 257 24.14 -27.40 9.43
N LEU B 258 23.03 -27.53 10.15
CA LEU B 258 22.60 -26.51 11.11
C LEU B 258 23.61 -26.27 12.24
N SER B 259 24.25 -27.34 12.72
CA SER B 259 25.32 -27.22 13.73
C SER B 259 26.58 -26.53 13.20
N LYS B 260 26.78 -26.50 11.88
CA LYS B 260 27.91 -25.77 11.27
C LYS B 260 27.64 -24.28 11.04
N MET B 261 26.38 -23.84 11.17
CA MET B 261 26.04 -22.43 10.99
C MET B 261 26.82 -21.58 12.00
N PRO B 262 27.32 -20.41 11.57
CA PRO B 262 28.00 -19.55 12.53
C PRO B 262 27.07 -19.13 13.66
N LYS B 263 27.58 -19.15 14.88
CA LYS B 263 26.79 -18.84 16.07
C LYS B 263 26.99 -17.37 16.46
N PRO B 264 25.97 -16.74 17.06
CA PRO B 264 26.12 -15.35 17.48
C PRO B 264 27.14 -15.15 18.61
N LYS B 265 27.69 -13.95 18.67
CA LYS B 265 28.44 -13.50 19.82
C LYS B 265 27.40 -13.17 20.89
N PRO B 266 27.57 -13.68 22.13
CA PRO B 266 26.71 -13.23 23.22
C PRO B 266 27.17 -11.86 23.72
N PRO B 267 26.35 -11.16 24.52
CA PRO B 267 26.81 -9.92 25.15
C PRO B 267 28.02 -10.13 26.07
N PRO B 268 28.86 -9.09 26.26
CA PRO B 268 30.06 -9.22 27.10
C PRO B 268 29.79 -9.28 28.60
O28 0SR C . -1.50 11.20 4.53
C17 0SR C . -1.06 10.37 5.30
N16 0SR C . -1.05 9.01 4.96
C10 0SR C . -1.71 8.45 3.82
C11 0SR C . -1.86 9.02 2.57
C9 0SR C . -2.70 8.11 1.93
C12 0SR C . -3.20 8.18 0.49
C15 0SR C . -3.44 9.63 0.11
C14 0SR C . -4.49 7.39 0.32
C13 0SR C . -2.13 7.59 -0.42
N8 0SR C . -3.01 7.11 2.75
N7 0SR C . -2.45 7.30 3.85
C4 0SR C . -2.65 6.43 5.00
C2 0SR C . -2.66 5.05 4.82
C6 0SR C . -3.03 6.96 6.25
C5 0SR C . -3.30 6.11 7.31
C3 0SR C . -3.26 4.73 7.12
C29 0SR C . -3.57 3.80 8.28
C1 0SR C . -2.95 4.20 5.88
N18 0SR C . -0.45 10.76 6.49
C19 0SR C . -0.51 12.16 6.93
C20 0SR C . 0.51 13.08 6.29
C21 0SR C . 0.72 14.30 7.22
N22 0SR C . 0.85 15.57 6.49
C27 0SR C . 2.15 15.65 5.80
C26 0SR C . 2.26 17.03 5.14
O24 0SR C . 2.10 18.09 6.10
C23 0SR C . 0.83 18.06 6.74
C25 0SR C . 0.66 16.70 7.44
NA NA D . -2.62 10.90 -13.15
S DMS E . 4.41 25.05 -8.64
O DMS E . 5.02 26.48 -7.73
C1 DMS E . 4.90 25.18 -10.38
C2 DMS E . 5.37 23.59 -8.14
C1 EDO F . 11.51 3.00 -5.11
O1 EDO F . 12.46 2.61 -4.11
C2 EDO F . 10.15 3.32 -4.47
O2 EDO F . 9.07 3.33 -5.42
C1 EDO G . -38.92 11.53 4.65
O1 EDO G . -38.29 10.94 5.78
C2 EDO G . -38.26 12.85 4.30
O2 EDO G . -38.51 13.15 2.93
C1 EDO H . 8.65 6.74 -1.42
O1 EDO H . 9.11 6.80 -2.77
C2 EDO H . 9.85 6.60 -0.47
O2 EDO H . 9.41 6.37 0.88
C1 EDO I . 12.50 4.39 4.92
O1 EDO I . 13.27 5.29 5.74
C2 EDO I . 12.61 4.79 3.45
O2 EDO I . 11.37 5.27 2.90
C1 EDO J . -8.08 33.48 -11.35
O1 EDO J . -9.49 33.64 -11.54
C2 EDO J . -7.81 32.91 -9.95
O2 EDO J . -6.64 32.08 -9.87
C1 EDO K . 10.66 9.57 20.82
O1 EDO K . 11.82 10.19 20.29
C2 EDO K . 10.51 8.18 20.17
O2 EDO K . 9.13 7.83 19.94
C FMT L . -1.87 21.81 -14.17
O1 FMT L . -1.58 21.11 -13.19
O2 FMT L . -1.03 22.14 -15.00
C FMT M . -6.79 2.48 6.96
O1 FMT M . -6.36 1.36 7.20
O2 FMT M . -6.63 2.99 5.85
C1 EDO N . 2.30 -6.72 -5.76
O1 EDO N . 1.65 -7.63 -4.87
C2 EDO N . 1.40 -5.52 -6.01
O2 EDO N . 0.04 -5.92 -6.25
C1 EDO O . 15.04 -31.54 -0.44
O1 EDO O . 15.25 -32.05 -1.76
C2 EDO O . 13.58 -31.69 -0.02
O2 EDO O . 13.33 -30.97 1.19
C1 EDO P . 2.06 -10.89 -18.59
O1 EDO P . 0.81 -10.50 -19.18
C2 EDO P . 3.13 -9.83 -18.90
O2 EDO P . 3.72 -9.27 -17.71
C1 EDO Q . 23.54 -32.17 -7.85
O1 EDO Q . 23.52 -31.27 -8.96
C2 EDO Q . 24.15 -31.49 -6.62
O2 EDO Q . 24.83 -32.43 -5.77
C FMT R . 15.12 -19.27 1.89
O1 FMT R . 16.31 -19.17 1.58
O2 FMT R . 14.21 -19.13 1.06
C FMT S . -3.55 -22.36 12.71
O1 FMT S . -3.98 -22.18 13.85
O2 FMT S . -4.27 -22.25 11.71
C FMT T . 19.45 -17.52 2.90
O1 FMT T . 18.56 -17.10 2.15
O2 FMT T . 19.32 -18.56 3.55
C FMT U . 15.83 -24.75 18.06
O1 FMT U . 15.52 -23.57 17.94
O2 FMT U . 15.15 -25.53 18.71
#